data_7R2G
#
_entry.id   7R2G
#
_cell.length_a   63.882
_cell.length_b   97.399
_cell.length_c   62.995
_cell.angle_alpha   90.000
_cell.angle_beta   90.010
_cell.angle_gamma   90.000
#
_symmetry.space_group_name_H-M   'P 1 21 1'
#
loop_
_entity.id
_entity.type
_entity.pdbx_description
1 polymer 'Ubiquitin carboxyl-terminal hydrolase 15'
2 non-polymer 'ZINC ION'
3 non-polymer GLYCEROL
4 non-polymer 1,4-DIHYDROXY-5,8-BIS({2-[(2-HYDROXYETHYL)AMINO]ETHYL}AMINO)-9,10-ANTHRACENEDIONE
5 water water
#
_entity_poly.entity_id   1
_entity_poly.type   'polypeptide(L)'
_entity_poly.pdbx_seq_one_letter_code
;MEQPGLCGLSNLGNTCFMNSAIQCLSNTPPLTEYFLNDKYQEELNFDNPLGMRGEIAKSYAELIKQMWSGKFSYVTPRAF
KTQVGRFAPQFSGYQQQDCQELLAFLLDGLHEDLNRIRKKPYIQLKDADGRPDKVVAEEAWENHLKRNDSIIVDIFHGLF
KSTLVCPECAKISVTFDPFCYLTLPLASTSKVKLKDCIELFTTKEKLGAEDPWYCPNCKEHQQATKKLDLWSLPPVLVVH
LKRFSYSRYMRDKLDTLVDFPINDLDMSEFLINPNAGPCRYNLIAVSNHYGGMGGGHYTAFAKNKDDGKWYYFDDSSVST
ASEDQIVSKAAYVLFYQRQDTFSGTGFFPLDRETLEHHHHHH
;
_entity_poly.pdbx_strand_id   A,B
#
# COMPACT_ATOMS: atom_id res chain seq x y z
N GLU A 2 44.43 8.76 9.88
CA GLU A 2 43.41 8.53 8.77
C GLU A 2 42.03 8.40 9.40
N GLN A 3 41.00 8.71 8.64
CA GLN A 3 39.59 8.63 9.08
C GLN A 3 38.95 7.42 8.39
N PRO A 4 38.14 6.62 9.13
CA PRO A 4 37.39 5.51 8.53
C PRO A 4 36.61 5.88 7.27
N GLY A 5 36.75 5.09 6.20
CA GLY A 5 36.04 5.31 4.94
C GLY A 5 36.74 6.31 4.00
N LEU A 6 37.66 7.13 4.50
CA LEU A 6 38.36 8.11 3.63
C LEU A 6 39.60 7.42 3.09
N CYS A 7 39.40 6.34 2.34
CA CYS A 7 40.44 5.39 1.97
C CYS A 7 40.35 5.18 0.46
N GLY A 8 41.41 5.55 -0.27
CA GLY A 8 41.52 5.37 -1.73
C GLY A 8 41.79 3.92 -2.08
N LEU A 9 41.83 3.64 -3.36
CA LEU A 9 42.04 2.25 -3.87
C LEU A 9 43.05 2.35 -5.00
N SER A 10 44.09 1.55 -4.92
CA SER A 10 45.11 1.45 -6.01
C SER A 10 44.46 1.00 -7.30
N ASN A 11 44.83 1.64 -8.42
CA ASN A 11 44.53 1.15 -9.77
C ASN A 11 45.48 0.00 -10.04
N LEU A 12 44.94 -1.15 -10.41
CA LEU A 12 45.74 -2.38 -10.70
C LEU A 12 45.87 -2.61 -12.22
N GLY A 13 45.49 -1.62 -13.03
CA GLY A 13 45.58 -1.71 -14.49
C GLY A 13 44.20 -1.70 -15.10
N ASN A 14 43.72 -0.51 -15.52
CA ASN A 14 42.33 -0.27 -16.00
C ASN A 14 41.29 -0.86 -15.04
N THR A 15 41.47 -0.65 -13.72
CA THR A 15 40.46 -1.03 -12.71
C THR A 15 39.78 0.19 -12.09
N CYS A 16 39.86 1.38 -12.70
CA CYS A 16 39.17 2.54 -12.14
C CYS A 16 37.65 2.29 -12.16
N PHE A 17 37.13 1.49 -13.09
CA PHE A 17 35.67 1.15 -13.14
C PHE A 17 35.29 0.39 -11.87
N MET A 18 36.19 -0.45 -11.38
CA MET A 18 35.93 -1.26 -10.16
C MET A 18 36.04 -0.35 -8.95
N ASN A 19 37.06 0.51 -8.89
CA ASN A 19 37.32 1.41 -7.74
C ASN A 19 36.14 2.37 -7.55
N SER A 20 35.59 2.86 -8.67
CA SER A 20 34.45 3.77 -8.66
C SER A 20 33.20 3.06 -8.13
N ALA A 21 32.95 1.85 -8.59
CA ALA A 21 31.79 1.07 -8.09
C ALA A 21 32.00 0.74 -6.61
N ILE A 22 33.23 0.41 -6.22
CA ILE A 22 33.48 0.09 -4.79
C ILE A 22 33.25 1.33 -3.90
N GLN A 23 33.64 2.52 -4.34
CA GLN A 23 33.46 3.74 -3.51
C GLN A 23 31.97 4.09 -3.33
N CYS A 24 31.14 3.77 -4.32
CA CYS A 24 29.71 4.00 -4.21
C CYS A 24 29.12 3.00 -3.16
N LEU A 25 29.42 1.74 -3.30
CA LEU A 25 28.87 0.69 -2.36
C LEU A 25 29.44 0.88 -0.96
N SER A 26 30.72 1.18 -0.85
CA SER A 26 31.40 1.45 0.44
C SER A 26 30.65 2.57 1.16
N ASN A 27 30.13 3.53 0.37
CA ASN A 27 29.43 4.69 0.94
C ASN A 27 27.92 4.58 0.89
N THR A 28 27.42 3.35 0.89
CA THR A 28 26.03 2.98 1.12
C THR A 28 25.89 2.50 2.57
N PRO A 29 25.41 3.36 3.50
CA PRO A 29 25.63 3.15 4.92
C PRO A 29 25.10 1.83 5.42
N PRO A 30 23.89 1.39 5.02
CA PRO A 30 23.29 0.19 5.61
C PRO A 30 24.06 -1.03 5.12
N LEU A 31 24.73 -0.91 3.96
CA LEU A 31 25.52 -2.05 3.42
C LEU A 31 26.85 -2.24 4.17
N THR A 32 27.58 -1.15 4.38
CA THR A 32 28.87 -1.11 5.06
C THR A 32 28.61 -1.52 6.52
N GLU A 33 27.54 -1.01 7.13
CA GLU A 33 27.23 -1.31 8.56
C GLU A 33 27.04 -2.82 8.76
N TYR A 34 26.27 -3.45 7.87
CA TYR A 34 26.04 -4.91 7.82
C TYR A 34 27.38 -5.65 7.86
N PHE A 35 28.33 -5.27 7.01
CA PHE A 35 29.66 -5.95 6.95
C PHE A 35 30.52 -5.56 8.17
N LEU A 36 30.58 -4.26 8.57
CA LEU A 36 31.42 -3.87 9.74
C LEU A 36 30.92 -4.54 11.04
N ASN A 37 29.63 -4.86 11.16
CA ASN A 37 29.06 -5.47 12.38
C ASN A 37 29.05 -7.01 12.29
N ASP A 38 29.79 -7.58 11.32
CA ASP A 38 29.90 -9.05 11.11
C ASP A 38 28.51 -9.70 11.08
N LYS A 39 27.56 -9.13 10.34
CA LYS A 39 26.23 -9.74 10.18
C LYS A 39 26.24 -10.74 9.03
N TYR A 40 27.33 -10.82 8.28
CA TYR A 40 27.35 -11.57 7.00
C TYR A 40 27.74 -13.03 7.25
N GLN A 41 28.61 -13.31 8.22
CA GLN A 41 29.19 -14.67 8.36
C GLN A 41 28.05 -15.69 8.45
N GLU A 42 27.03 -15.38 9.22
CA GLU A 42 25.94 -16.35 9.50
C GLU A 42 25.00 -16.45 8.30
N GLU A 43 25.11 -15.55 7.31
CA GLU A 43 24.22 -15.53 6.14
C GLU A 43 24.95 -15.97 4.89
N LEU A 44 26.25 -16.24 4.95
CA LEU A 44 26.96 -16.71 3.76
C LEU A 44 26.29 -17.98 3.23
N ASN A 45 26.06 -18.08 1.92
CA ASN A 45 25.36 -19.23 1.29
C ASN A 45 26.38 -19.89 0.37
N PHE A 46 27.14 -20.83 0.88
CA PHE A 46 28.25 -21.50 0.16
C PHE A 46 27.72 -22.41 -0.96
N ASP A 47 26.52 -22.97 -0.82
CA ASP A 47 26.02 -24.03 -1.74
C ASP A 47 25.20 -23.44 -2.90
N ASN A 48 24.94 -22.14 -2.93
CA ASN A 48 23.98 -21.54 -3.89
C ASN A 48 24.51 -21.75 -5.32
N PRO A 49 23.76 -22.42 -6.22
CA PRO A 49 24.21 -22.60 -7.61
C PRO A 49 24.40 -21.30 -8.39
N LEU A 50 23.72 -20.24 -7.96
CA LEU A 50 23.75 -18.92 -8.62
C LEU A 50 24.77 -17.98 -7.98
N GLY A 51 25.33 -18.34 -6.84
CA GLY A 51 26.26 -17.48 -6.11
C GLY A 51 27.68 -17.88 -6.42
N MET A 52 28.63 -17.29 -5.69
CA MET A 52 30.07 -17.34 -6.00
C MET A 52 30.78 -17.99 -4.83
N ARG A 53 30.13 -18.99 -4.23
CA ARG A 53 30.61 -19.81 -3.07
C ARG A 53 30.88 -18.94 -1.83
N GLY A 54 30.25 -17.77 -1.72
CA GLY A 54 30.49 -16.81 -0.63
C GLY A 54 31.75 -15.97 -0.88
N GLU A 55 32.48 -16.24 -1.92
CA GLU A 55 33.82 -15.62 -2.15
C GLU A 55 33.69 -14.14 -2.50
N ILE A 56 32.65 -13.72 -3.21
CA ILE A 56 32.50 -12.25 -3.49
C ILE A 56 32.08 -11.52 -2.21
N ALA A 57 31.09 -12.03 -1.47
CA ALA A 57 30.66 -11.45 -0.17
C ALA A 57 31.82 -11.41 0.83
N LYS A 58 32.58 -12.49 0.98
CA LYS A 58 33.74 -12.56 1.92
C LYS A 58 34.80 -11.54 1.51
N SER A 59 35.20 -11.55 0.23
CA SER A 59 36.32 -10.66 -0.19
C SER A 59 35.88 -9.22 -0.06
N TYR A 60 34.62 -8.91 -0.38
CA TYR A 60 34.05 -7.53 -0.31
C TYR A 60 34.00 -7.11 1.18
N ALA A 61 33.53 -7.98 2.05
CA ALA A 61 33.53 -7.73 3.50
C ALA A 61 34.93 -7.37 3.99
N GLU A 62 35.93 -8.13 3.56
CA GLU A 62 37.33 -7.95 4.02
C GLU A 62 37.90 -6.62 3.54
N LEU A 63 37.51 -6.21 2.35
CA LEU A 63 38.00 -4.92 1.76
C LEU A 63 37.35 -3.74 2.50
N ILE A 64 36.03 -3.81 2.73
CA ILE A 64 35.26 -2.78 3.47
C ILE A 64 35.83 -2.64 4.90
N LYS A 65 36.06 -3.75 5.58
CA LYS A 65 36.72 -3.69 6.92
C LYS A 65 38.05 -2.93 6.85
N GLN A 66 38.87 -3.16 5.83
CA GLN A 66 40.12 -2.41 5.62
C GLN A 66 39.81 -0.94 5.45
N MET A 67 38.87 -0.59 4.55
CA MET A 67 38.59 0.79 4.15
C MET A 67 38.07 1.61 5.32
N TRP A 68 37.37 0.97 6.26
CA TRP A 68 36.68 1.65 7.37
C TRP A 68 37.39 1.33 8.71
N SER A 69 38.59 0.77 8.68
CA SER A 69 39.41 0.52 9.91
C SER A 69 40.01 1.83 10.44
N GLY A 70 40.24 2.81 9.55
CA GLY A 70 40.97 4.06 9.82
C GLY A 70 42.48 3.88 9.83
N LYS A 71 42.99 2.76 9.32
CA LYS A 71 44.43 2.47 9.35
C LYS A 71 45.09 2.87 8.04
N PHE A 72 44.32 3.25 7.01
CA PHE A 72 44.86 3.32 5.64
C PHE A 72 44.43 4.60 4.97
N SER A 73 45.34 5.20 4.20
CA SER A 73 45.00 6.33 3.30
C SER A 73 44.55 5.72 1.97
N TYR A 74 45.00 4.51 1.64
CA TYR A 74 44.54 3.76 0.45
C TYR A 74 44.88 2.29 0.69
N VAL A 75 44.18 1.40 0.02
CA VAL A 75 44.49 -0.03 0.02
C VAL A 75 44.52 -0.50 -1.40
N THR A 76 45.15 -1.62 -1.62
CA THR A 76 45.24 -2.29 -2.91
C THR A 76 44.24 -3.42 -2.92
N PRO A 77 43.13 -3.33 -3.71
CA PRO A 77 42.07 -4.33 -3.62
C PRO A 77 42.35 -5.59 -4.43
N ARG A 78 43.54 -6.17 -4.25
CA ARG A 78 44.03 -7.29 -5.11
C ARG A 78 43.13 -8.54 -4.96
N ALA A 79 42.87 -9.00 -3.72
CA ALA A 79 42.08 -10.22 -3.44
C ALA A 79 40.69 -10.03 -4.03
N PHE A 80 40.03 -8.92 -3.79
CA PHE A 80 38.68 -8.66 -4.31
C PHE A 80 38.75 -8.70 -5.85
N LYS A 81 39.67 -7.95 -6.46
CA LYS A 81 39.79 -7.94 -7.94
C LYS A 81 40.01 -9.38 -8.42
N THR A 82 40.78 -10.19 -7.69
CA THR A 82 41.10 -11.55 -8.12
C THR A 82 39.82 -12.37 -8.07
N GLN A 83 38.97 -12.23 -7.03
CA GLN A 83 37.70 -13.02 -6.97
C GLN A 83 36.72 -12.55 -8.07
N VAL A 84 36.64 -11.27 -8.33
CA VAL A 84 35.75 -10.76 -9.38
C VAL A 84 36.18 -11.43 -10.70
N GLY A 85 37.45 -11.35 -11.06
CA GLY A 85 38.03 -11.94 -12.29
C GLY A 85 37.75 -13.44 -12.42
N ARG A 86 37.80 -14.18 -11.32
CA ARG A 86 37.56 -15.65 -11.26
C ARG A 86 36.11 -15.97 -11.58
N PHE A 87 35.15 -15.27 -10.97
CA PHE A 87 33.72 -15.55 -11.14
C PHE A 87 33.12 -14.78 -12.32
N ALA A 88 33.80 -13.73 -12.82
CA ALA A 88 33.26 -12.87 -13.90
C ALA A 88 34.42 -12.47 -14.79
N PRO A 89 34.90 -13.43 -15.64
CA PRO A 89 36.10 -13.22 -16.45
C PRO A 89 36.10 -11.96 -17.34
N GLN A 90 34.92 -11.51 -17.77
CA GLN A 90 34.75 -10.29 -18.62
C GLN A 90 35.33 -9.05 -17.92
N PHE A 91 35.50 -9.07 -16.59
CA PHE A 91 36.12 -7.97 -15.80
C PHE A 91 37.59 -8.33 -15.54
N GLN A 96 39.46 -1.30 -20.19
CA GLN A 96 38.42 -0.53 -19.43
C GLN A 96 37.03 -1.10 -19.69
N GLN A 97 36.26 -1.19 -18.61
CA GLN A 97 34.93 -1.82 -18.60
C GLN A 97 33.87 -0.73 -18.45
N ASP A 98 32.62 -1.16 -18.34
CA ASP A 98 31.48 -0.34 -17.95
C ASP A 98 31.21 -0.55 -16.45
N CYS A 99 31.40 0.52 -15.66
CA CYS A 99 31.15 0.61 -14.19
C CYS A 99 29.74 0.08 -13.85
N GLN A 100 28.73 0.36 -14.68
CA GLN A 100 27.35 -0.11 -14.42
C GLN A 100 27.21 -1.65 -14.53
N GLU A 101 27.95 -2.27 -15.43
CA GLU A 101 27.89 -3.72 -15.63
C GLU A 101 28.48 -4.35 -14.37
N LEU A 102 29.60 -3.80 -13.90
CA LEU A 102 30.25 -4.34 -12.67
C LEU A 102 29.32 -4.19 -11.48
N LEU A 103 28.74 -3.01 -11.28
CA LEU A 103 27.70 -2.82 -10.25
C LEU A 103 26.59 -3.86 -10.34
N ALA A 104 26.05 -4.08 -11.53
CA ALA A 104 24.99 -5.06 -11.81
C ALA A 104 25.45 -6.43 -11.36
N PHE A 105 26.68 -6.81 -11.74
CA PHE A 105 27.29 -8.08 -11.34
C PHE A 105 27.40 -8.18 -9.79
N LEU A 106 27.87 -7.12 -9.13
CA LEU A 106 28.14 -7.10 -7.69
C LEU A 106 26.86 -7.15 -6.88
N LEU A 107 25.83 -6.41 -7.29
CA LEU A 107 24.51 -6.44 -6.60
C LEU A 107 23.92 -7.84 -6.71
N ASP A 108 24.09 -8.50 -7.85
CA ASP A 108 23.58 -9.88 -8.01
C ASP A 108 24.44 -10.91 -7.24
N GLY A 109 25.75 -10.82 -7.40
CA GLY A 109 26.71 -11.69 -6.68
C GLY A 109 26.62 -11.58 -5.16
N LEU A 110 26.62 -10.36 -4.61
CA LEU A 110 26.47 -10.16 -3.13
C LEU A 110 25.16 -10.77 -2.65
N HIS A 111 24.09 -10.51 -3.39
CA HIS A 111 22.74 -11.03 -3.10
C HIS A 111 22.76 -12.57 -3.04
N GLU A 112 23.32 -13.21 -4.07
CA GLU A 112 23.28 -14.67 -4.15
C GLU A 112 24.21 -15.27 -3.09
N ASP A 113 25.35 -14.61 -2.84
CA ASP A 113 26.29 -15.05 -1.78
C ASP A 113 25.64 -15.00 -0.37
N LEU A 114 24.64 -14.14 -0.16
CA LEU A 114 24.02 -13.85 1.15
C LEU A 114 22.53 -14.25 1.19
N ASN A 115 22.06 -14.92 0.14
CA ASN A 115 20.62 -15.17 -0.06
C ASN A 115 20.18 -16.12 1.05
N ARG A 116 19.15 -15.75 1.81
CA ARG A 116 18.61 -16.52 2.99
C ARG A 116 17.76 -17.70 2.50
N ILE A 117 17.27 -17.68 1.27
CA ILE A 117 16.55 -18.83 0.68
C ILE A 117 17.59 -19.93 0.39
N ARG A 118 17.38 -21.12 0.91
CA ARG A 118 18.34 -22.24 0.73
C ARG A 118 18.04 -22.85 -0.65
N LYS A 119 16.79 -23.22 -0.90
CA LYS A 119 16.35 -23.85 -2.16
C LYS A 119 15.23 -23.00 -2.77
N LYS A 120 15.45 -22.43 -3.95
CA LYS A 120 14.45 -21.57 -4.60
C LYS A 120 13.31 -22.45 -5.10
N PRO A 121 12.03 -22.16 -4.76
CA PRO A 121 10.90 -22.85 -5.38
C PRO A 121 10.59 -22.26 -6.77
N TYR A 122 10.07 -23.10 -7.67
CA TYR A 122 9.53 -22.68 -8.98
C TYR A 122 8.21 -21.93 -8.74
N ILE A 123 8.07 -20.75 -9.33
CA ILE A 123 6.87 -19.89 -9.22
C ILE A 123 6.21 -19.84 -10.60
N GLN A 124 4.95 -20.28 -10.67
CA GLN A 124 4.10 -20.10 -11.87
C GLN A 124 3.88 -18.59 -12.10
N LEU A 125 4.71 -17.99 -12.96
CA LEU A 125 4.62 -16.56 -13.35
C LEU A 125 3.21 -16.31 -13.92
N LYS A 126 2.66 -15.14 -13.62
CA LYS A 126 1.27 -14.80 -13.98
C LYS A 126 1.20 -13.37 -14.50
N ASP A 127 0.31 -13.15 -15.47
CA ASP A 127 -0.18 -11.83 -15.88
C ASP A 127 -1.22 -11.36 -14.86
N ALA A 128 -1.45 -10.05 -14.82
CA ALA A 128 -2.47 -9.40 -13.96
C ALA A 128 -3.79 -10.16 -14.11
N ASP A 129 -4.19 -10.44 -15.36
CA ASP A 129 -5.46 -11.13 -15.69
C ASP A 129 -6.63 -10.22 -15.31
N GLY A 130 -6.49 -8.91 -15.54
CA GLY A 130 -7.52 -7.90 -15.25
C GLY A 130 -7.71 -7.65 -13.76
N ARG A 131 -6.90 -8.27 -12.91
CA ARG A 131 -6.97 -8.10 -11.43
C ARG A 131 -6.46 -6.72 -11.06
N PRO A 132 -6.78 -6.20 -9.85
CA PRO A 132 -6.29 -4.90 -9.39
C PRO A 132 -4.77 -4.88 -9.15
N ASP A 133 -4.11 -3.75 -9.41
CA ASP A 133 -2.65 -3.59 -9.26
C ASP A 133 -2.18 -4.02 -7.85
N LYS A 134 -2.85 -3.60 -6.79
CA LYS A 134 -2.37 -3.80 -5.40
C LYS A 134 -2.15 -5.30 -5.16
N VAL A 135 -3.07 -6.13 -5.62
CA VAL A 135 -3.04 -7.58 -5.37
C VAL A 135 -1.95 -8.20 -6.24
N VAL A 136 -1.86 -7.82 -7.49
CA VAL A 136 -0.83 -8.38 -8.40
C VAL A 136 0.55 -7.94 -7.91
N ALA A 137 0.73 -6.68 -7.52
CA ALA A 137 2.01 -6.14 -6.99
C ALA A 137 2.40 -6.91 -5.69
N GLU A 138 1.50 -6.99 -4.73
CA GLU A 138 1.79 -7.72 -3.45
C GLU A 138 2.11 -9.20 -3.72
N GLU A 139 1.46 -9.84 -4.71
CA GLU A 139 1.77 -11.22 -5.14
C GLU A 139 3.21 -11.29 -5.68
N ALA A 140 3.57 -10.37 -6.58
CA ALA A 140 4.88 -10.34 -7.23
C ALA A 140 5.96 -10.25 -6.15
N TRP A 141 5.78 -9.31 -5.22
CA TRP A 141 6.75 -9.08 -4.12
C TRP A 141 6.86 -10.30 -3.22
N GLU A 142 5.75 -10.90 -2.82
CA GLU A 142 5.81 -12.15 -2.02
C GLU A 142 6.58 -13.23 -2.80
N ASN A 143 6.28 -13.38 -4.09
CA ASN A 143 6.94 -14.39 -4.96
C ASN A 143 8.45 -14.13 -5.05
N HIS A 144 8.84 -12.87 -5.16
CA HIS A 144 10.26 -12.45 -5.25
C HIS A 144 10.98 -12.87 -3.98
N LEU A 145 10.39 -12.55 -2.82
CA LEU A 145 10.95 -12.86 -1.47
C LEU A 145 11.03 -14.37 -1.19
N LYS A 146 10.17 -15.21 -1.79
CA LYS A 146 10.25 -16.69 -1.63
C LYS A 146 11.50 -17.24 -2.34
N ARG A 147 12.03 -16.49 -3.33
CA ARG A 147 13.22 -16.91 -4.10
C ARG A 147 14.42 -16.05 -3.70
N ASN A 148 14.18 -14.83 -3.24
CA ASN A 148 15.23 -13.80 -3.01
C ASN A 148 15.01 -13.07 -1.68
N ASP A 149 15.86 -13.33 -0.72
CA ASP A 149 15.75 -12.70 0.61
C ASP A 149 17.15 -12.48 1.17
N SER A 150 17.60 -11.23 1.08
CA SER A 150 18.96 -10.85 1.50
C SER A 150 19.04 -9.39 1.95
N ILE A 151 20.18 -9.05 2.55
CA ILE A 151 20.53 -7.63 2.83
C ILE A 151 20.48 -6.81 1.52
N ILE A 152 20.82 -7.40 0.37
CA ILE A 152 20.77 -6.66 -0.92
C ILE A 152 19.32 -6.31 -1.29
N VAL A 153 18.43 -7.25 -1.17
CA VAL A 153 16.98 -7.05 -1.36
C VAL A 153 16.50 -5.94 -0.41
N ASP A 154 16.84 -6.05 0.89
CA ASP A 154 16.44 -5.10 1.93
C ASP A 154 16.84 -3.67 1.55
N ILE A 155 17.99 -3.49 0.94
CA ILE A 155 18.52 -2.14 0.66
C ILE A 155 18.09 -1.66 -0.73
N PHE A 156 18.21 -2.51 -1.78
CA PHE A 156 18.34 -1.99 -3.18
C PHE A 156 17.13 -2.35 -4.04
N HIS A 157 16.26 -3.29 -3.62
CA HIS A 157 15.27 -3.87 -4.56
C HIS A 157 13.95 -3.12 -4.47
N GLY A 158 13.43 -2.75 -5.63
CA GLY A 158 12.12 -2.12 -5.81
C GLY A 158 11.29 -2.94 -6.78
N LEU A 159 10.11 -2.41 -7.11
CA LEU A 159 9.15 -3.11 -7.94
C LEU A 159 8.65 -2.17 -9.01
N PHE A 160 8.67 -2.61 -10.24
CA PHE A 160 8.08 -1.77 -11.35
C PHE A 160 6.98 -2.57 -12.03
N LYS A 161 5.98 -1.89 -12.52
CA LYS A 161 4.90 -2.44 -13.36
C LYS A 161 5.26 -2.25 -14.84
N SER A 162 5.09 -3.30 -15.61
CA SER A 162 5.25 -3.31 -17.08
C SER A 162 3.90 -3.56 -17.73
N THR A 163 3.49 -2.69 -18.67
CA THR A 163 2.24 -2.87 -19.46
C THR A 163 2.60 -3.05 -20.93
N LEU A 164 2.32 -4.23 -21.46
CA LEU A 164 2.45 -4.55 -22.90
C LEU A 164 1.06 -4.60 -23.55
N VAL A 165 0.92 -3.93 -24.69
CA VAL A 165 -0.38 -3.81 -25.40
C VAL A 165 -0.18 -4.42 -26.79
N CYS A 166 -0.87 -5.53 -27.05
CA CYS A 166 -0.94 -6.14 -28.41
C CYS A 166 -1.77 -5.23 -29.32
N PRO A 167 -1.24 -4.80 -30.48
CA PRO A 167 -2.04 -4.04 -31.46
C PRO A 167 -3.13 -4.87 -32.16
N GLU A 168 -3.02 -6.21 -32.13
CA GLU A 168 -4.06 -7.16 -32.58
C GLU A 168 -4.61 -7.88 -31.36
N CYS A 169 -5.93 -7.84 -31.16
CA CYS A 169 -6.66 -8.59 -30.11
C CYS A 169 -6.83 -7.74 -28.84
N ALA A 170 -6.16 -6.58 -28.77
CA ALA A 170 -6.28 -5.58 -27.68
C ALA A 170 -5.67 -6.07 -26.37
N LYS A 171 -4.98 -7.22 -26.36
CA LYS A 171 -4.43 -7.88 -25.14
C LYS A 171 -3.51 -6.93 -24.36
N ILE A 172 -3.98 -6.51 -23.18
CA ILE A 172 -3.21 -5.73 -22.17
C ILE A 172 -2.55 -6.74 -21.23
N SER A 173 -1.23 -6.87 -21.34
CA SER A 173 -0.38 -7.74 -20.50
C SER A 173 0.34 -6.91 -19.42
N VAL A 174 -0.01 -7.11 -18.16
CA VAL A 174 0.57 -6.36 -17.02
C VAL A 174 1.34 -7.33 -16.12
N THR A 175 2.61 -7.02 -15.84
CA THR A 175 3.45 -7.74 -14.87
C THR A 175 4.13 -6.76 -13.92
N PHE A 176 4.43 -7.23 -12.71
CA PHE A 176 5.22 -6.52 -11.70
C PHE A 176 6.57 -7.23 -11.54
N ASP A 177 7.66 -6.51 -11.76
CA ASP A 177 9.02 -7.08 -11.80
C ASP A 177 9.94 -6.32 -10.84
N PRO A 178 10.77 -7.04 -10.08
CA PRO A 178 11.72 -6.37 -9.22
C PRO A 178 12.81 -5.66 -10.05
N PHE A 179 13.45 -4.66 -9.46
CA PHE A 179 14.71 -4.11 -9.98
C PHE A 179 15.63 -3.83 -8.83
N CYS A 180 16.93 -3.76 -9.10
CA CYS A 180 17.91 -3.25 -8.09
C CYS A 180 18.62 -1.98 -8.55
N TYR A 181 18.27 -1.47 -9.74
CA TYR A 181 18.79 -0.19 -10.27
C TYR A 181 17.84 0.23 -11.41
N LEU A 182 17.78 1.52 -11.71
CA LEU A 182 16.99 2.05 -12.85
C LEU A 182 17.92 2.62 -13.88
N THR A 183 17.81 2.13 -15.11
CA THR A 183 18.58 2.64 -16.25
C THR A 183 17.73 3.66 -17.02
N LEU A 184 18.11 4.91 -17.01
CA LEU A 184 17.26 5.99 -17.56
C LEU A 184 17.78 6.35 -18.94
N PRO A 185 16.91 6.48 -19.94
CA PRO A 185 17.31 7.10 -21.22
C PRO A 185 17.54 8.59 -21.02
N LEU A 186 18.56 9.16 -21.68
CA LEU A 186 18.81 10.63 -21.63
C LEU A 186 18.04 11.33 -22.77
N ALA A 187 17.23 12.36 -22.44
CA ALA A 187 16.26 13.02 -23.37
C ALA A 187 16.96 13.96 -24.38
N SER A 190 21.66 18.71 -24.94
CA SER A 190 22.74 19.49 -24.29
C SER A 190 22.58 19.46 -22.76
N LYS A 191 21.38 19.79 -22.29
CA LYS A 191 21.07 19.77 -20.84
C LYS A 191 19.64 19.27 -20.58
N VAL A 192 19.47 18.48 -19.54
CA VAL A 192 18.12 18.00 -19.10
C VAL A 192 18.12 17.86 -17.57
N LYS A 193 16.93 17.69 -17.00
CA LYS A 193 16.74 17.46 -15.56
C LYS A 193 16.59 15.95 -15.32
N LEU A 194 17.04 15.48 -14.17
CA LEU A 194 16.87 14.04 -13.82
C LEU A 194 15.39 13.65 -13.94
N LYS A 195 14.48 14.53 -13.52
CA LYS A 195 13.02 14.29 -13.58
C LYS A 195 12.50 14.16 -15.01
N ASP A 196 13.07 14.89 -15.97
CA ASP A 196 12.87 14.68 -17.43
C ASP A 196 13.26 13.26 -17.83
N CYS A 197 14.35 12.72 -17.27
CA CYS A 197 14.84 11.36 -17.63
C CYS A 197 13.93 10.30 -17.01
N ILE A 198 13.44 10.57 -15.80
CA ILE A 198 12.48 9.63 -15.15
C ILE A 198 11.17 9.62 -15.96
N GLU A 199 10.69 10.80 -16.36
CA GLU A 199 9.45 10.91 -17.16
C GLU A 199 9.62 10.11 -18.46
N LEU A 200 10.78 10.21 -19.10
CA LEU A 200 11.08 9.45 -20.34
C LEU A 200 11.09 7.94 -20.08
N PHE A 201 11.66 7.53 -18.94
CA PHE A 201 11.68 6.12 -18.52
C PHE A 201 10.26 5.54 -18.43
N THR A 202 9.31 6.33 -17.95
CA THR A 202 7.92 5.88 -17.70
C THR A 202 6.98 6.24 -18.88
N THR A 203 7.53 6.68 -20.01
CA THR A 203 6.73 6.98 -21.22
C THR A 203 6.53 5.70 -22.05
N LYS A 204 5.31 5.49 -22.53
CA LYS A 204 4.94 4.46 -23.56
C LYS A 204 5.90 4.53 -24.74
N GLU A 205 6.54 3.42 -25.09
CA GLU A 205 7.38 3.31 -26.29
C GLU A 205 7.00 2.05 -27.07
N LYS A 206 7.07 2.13 -28.40
CA LYS A 206 6.81 0.99 -29.32
C LYS A 206 8.08 0.14 -29.40
N LEU A 207 7.93 -1.17 -29.25
CA LEU A 207 8.98 -2.16 -29.60
C LEU A 207 9.08 -2.26 -31.12
N GLY A 208 10.26 -2.57 -31.64
CA GLY A 208 10.53 -2.71 -33.08
C GLY A 208 10.65 -4.16 -33.50
N ALA A 209 11.11 -4.39 -34.72
CA ALA A 209 11.41 -5.73 -35.26
C ALA A 209 12.50 -6.35 -34.38
N GLU A 210 13.47 -5.54 -33.95
CA GLU A 210 14.41 -5.90 -32.86
C GLU A 210 13.60 -6.02 -31.57
N ASP A 211 13.61 -7.22 -30.96
CA ASP A 211 12.99 -7.52 -29.65
C ASP A 211 11.47 -7.28 -29.68
N PRO A 212 10.67 -8.16 -30.34
CA PRO A 212 9.22 -8.07 -30.25
C PRO A 212 8.72 -8.76 -28.97
N TRP A 213 7.43 -8.55 -28.64
CA TRP A 213 6.74 -9.20 -27.50
C TRP A 213 5.78 -10.27 -28.01
N TYR A 214 5.87 -11.48 -27.42
CA TYR A 214 5.00 -12.63 -27.76
C TYR A 214 3.65 -12.45 -27.07
N CYS A 215 2.59 -12.27 -27.85
CA CYS A 215 1.20 -12.19 -27.35
C CYS A 215 0.69 -13.61 -27.08
N PRO A 216 0.35 -13.96 -25.82
CA PRO A 216 -0.09 -15.32 -25.49
C PRO A 216 -1.52 -15.61 -25.96
N ASN A 217 -2.30 -14.57 -26.26
CA ASN A 217 -3.67 -14.66 -26.84
C ASN A 217 -3.58 -14.97 -28.34
N CYS A 218 -2.83 -14.15 -29.09
CA CYS A 218 -2.59 -14.27 -30.55
C CYS A 218 -1.69 -15.47 -30.87
N LYS A 219 -0.82 -15.87 -29.93
CA LYS A 219 0.23 -16.90 -30.15
C LYS A 219 1.21 -16.42 -31.22
N GLU A 220 1.60 -15.14 -31.19
CA GLU A 220 2.49 -14.54 -32.21
C GLU A 220 3.21 -13.32 -31.63
N HIS A 221 4.42 -13.07 -32.14
CA HIS A 221 5.28 -11.90 -31.82
C HIS A 221 4.67 -10.63 -32.41
N GLN A 222 4.60 -9.58 -31.60
CA GLN A 222 4.00 -8.28 -31.95
C GLN A 222 5.00 -7.17 -31.65
N GLN A 223 4.84 -6.01 -32.28
CA GLN A 223 5.58 -4.76 -31.97
C GLN A 223 4.76 -3.95 -30.96
N ALA A 224 4.48 -4.54 -29.79
CA ALA A 224 3.58 -4.00 -28.76
C ALA A 224 4.16 -2.71 -28.18
N THR A 225 3.30 -1.91 -27.54
CA THR A 225 3.72 -0.73 -26.74
C THR A 225 4.02 -1.16 -25.31
N LYS A 226 5.17 -0.73 -24.81
CA LYS A 226 5.68 -1.03 -23.46
C LYS A 226 5.69 0.27 -22.65
N LYS A 227 4.93 0.28 -21.55
CA LYS A 227 4.95 1.36 -20.55
C LYS A 227 5.37 0.79 -19.18
N LEU A 228 6.39 1.42 -18.61
CA LEU A 228 6.87 1.15 -17.24
C LEU A 228 6.26 2.17 -16.28
N ASP A 229 5.93 1.71 -15.09
CA ASP A 229 5.58 2.59 -13.95
C ASP A 229 6.29 2.05 -12.72
N LEU A 230 6.56 2.94 -11.77
CA LEU A 230 7.24 2.59 -10.50
C LEU A 230 6.18 2.27 -9.44
N TRP A 231 6.21 1.06 -8.90
CA TRP A 231 5.29 0.63 -7.84
C TRP A 231 5.89 0.91 -6.46
N SER A 232 7.11 0.45 -6.19
CA SER A 232 7.79 0.72 -4.90
C SER A 232 9.26 1.03 -5.18
N LEU A 233 9.82 1.95 -4.41
CA LEU A 233 11.22 2.40 -4.53
C LEU A 233 12.01 1.95 -3.30
N PRO A 234 13.25 1.49 -3.49
CA PRO A 234 14.03 0.89 -2.38
C PRO A 234 14.64 1.99 -1.51
N PRO A 235 15.09 1.63 -0.29
CA PRO A 235 15.88 2.52 0.55
C PRO A 235 17.06 3.18 -0.14
N VAL A 236 17.82 2.40 -0.92
CA VAL A 236 18.88 2.96 -1.76
C VAL A 236 18.54 2.73 -3.23
N LEU A 237 18.38 3.83 -3.96
CA LEU A 237 17.98 3.86 -5.35
C LEU A 237 19.22 4.22 -6.18
N VAL A 238 19.58 3.29 -7.05
CA VAL A 238 20.76 3.39 -7.92
C VAL A 238 20.23 3.77 -9.31
N VAL A 239 20.69 4.88 -9.80
CA VAL A 239 20.14 5.52 -11.04
C VAL A 239 21.29 5.57 -12.04
N HIS A 240 21.22 4.70 -13.04
CA HIS A 240 22.18 4.53 -14.13
C HIS A 240 21.73 5.46 -15.30
N LEU A 241 22.54 6.43 -15.65
CA LEU A 241 22.22 7.34 -16.81
C LEU A 241 22.79 6.70 -18.08
N LYS A 242 21.94 6.33 -19.03
CA LYS A 242 22.33 5.47 -20.17
C LYS A 242 23.14 6.30 -21.19
N ARG A 243 24.43 6.44 -20.92
CA ARG A 243 25.34 7.29 -21.73
C ARG A 243 25.98 6.49 -22.86
N PHE A 244 26.15 5.19 -22.73
CA PHE A 244 26.91 4.36 -23.68
C PHE A 244 25.98 3.56 -24.58
N SER A 245 24.90 3.04 -23.98
CA SER A 245 23.87 2.20 -24.62
C SER A 245 24.46 0.86 -25.10
N ASP A 252 28.94 7.58 -29.77
CA ASP A 252 29.39 6.50 -28.85
C ASP A 252 28.90 6.79 -27.41
N LYS A 253 29.37 7.88 -26.81
CA LYS A 253 28.97 8.27 -25.44
C LYS A 253 28.21 9.61 -25.48
N LEU A 254 27.03 9.66 -24.85
CA LEU A 254 26.27 10.92 -24.65
C LEU A 254 26.90 11.70 -23.48
N ASP A 255 27.30 12.93 -23.74
CA ASP A 255 27.96 13.85 -22.79
C ASP A 255 26.91 14.85 -22.29
N THR A 256 25.63 14.56 -22.54
CA THR A 256 24.52 15.39 -22.04
C THR A 256 24.70 15.71 -20.55
N LEU A 257 24.49 16.98 -20.20
CA LEU A 257 24.54 17.46 -18.82
C LEU A 257 23.17 17.13 -18.20
N VAL A 258 23.19 16.20 -17.24
CA VAL A 258 21.97 15.81 -16.47
C VAL A 258 22.10 16.51 -15.11
N ASP A 259 21.15 17.40 -14.85
CA ASP A 259 21.01 18.16 -13.60
C ASP A 259 20.22 17.29 -12.64
N PHE A 260 20.83 16.93 -11.51
CA PHE A 260 20.17 16.10 -10.47
C PHE A 260 20.34 16.79 -9.13
N PRO A 261 19.34 16.66 -8.24
CA PRO A 261 19.44 17.28 -6.92
C PRO A 261 20.38 16.48 -5.99
N ILE A 262 20.95 17.19 -5.03
CA ILE A 262 21.88 16.70 -4.00
C ILE A 262 21.01 16.21 -2.83
N ASN A 263 19.90 16.92 -2.60
CA ASN A 263 18.98 16.72 -1.47
C ASN A 263 17.53 16.80 -1.93
N ASP A 264 16.67 16.01 -1.27
CA ASP A 264 15.21 16.17 -1.32
C ASP A 264 14.70 15.89 -2.73
N LEU A 265 15.25 14.88 -3.40
CA LEU A 265 14.62 14.29 -4.58
C LEU A 265 13.30 13.67 -4.13
N ASP A 266 12.18 14.29 -4.51
CA ASP A 266 10.83 13.78 -4.17
C ASP A 266 10.33 12.96 -5.36
N MET A 267 10.22 11.65 -5.17
CA MET A 267 9.81 10.68 -6.22
C MET A 267 8.30 10.40 -6.23
N SER A 268 7.52 11.04 -5.34
CA SER A 268 6.12 10.60 -5.02
C SER A 268 5.23 10.74 -6.26
N GLU A 269 5.53 11.71 -7.13
CA GLU A 269 4.73 11.98 -8.35
C GLU A 269 4.81 10.79 -9.31
N PHE A 270 5.88 10.01 -9.24
CA PHE A 270 6.12 8.87 -10.15
C PHE A 270 5.48 7.59 -9.60
N LEU A 271 5.25 7.50 -8.28
CA LEU A 271 4.82 6.24 -7.62
C LEU A 271 3.32 6.05 -7.80
N ILE A 272 2.90 4.91 -8.36
CA ILE A 272 1.46 4.69 -8.68
C ILE A 272 0.75 3.96 -7.52
N ASN A 273 1.52 3.49 -6.52
CA ASN A 273 1.06 2.80 -5.29
C ASN A 273 0.47 3.82 -4.32
N PRO A 274 -0.86 3.84 -4.15
CA PRO A 274 -1.51 4.88 -3.34
C PRO A 274 -1.16 4.80 -1.85
N ASN A 275 -0.67 3.64 -1.38
CA ASN A 275 -0.46 3.35 0.06
C ASN A 275 1.04 3.37 0.37
N ALA A 276 1.86 3.86 -0.57
CA ALA A 276 3.30 3.96 -0.38
C ALA A 276 3.59 4.98 0.73
N GLY A 277 4.72 4.77 1.43
CA GLY A 277 5.22 5.69 2.46
C GLY A 277 5.98 6.84 1.79
N PRO A 278 6.74 7.63 2.57
CA PRO A 278 7.45 8.78 2.01
C PRO A 278 8.55 8.28 1.08
N CYS A 279 8.87 9.06 0.06
CA CYS A 279 9.88 8.71 -0.97
C CYS A 279 10.72 9.95 -1.35
N ARG A 280 11.34 10.57 -0.36
CA ARG A 280 12.26 11.73 -0.48
C ARG A 280 13.69 11.17 -0.30
N TYR A 281 14.56 11.44 -1.25
CA TYR A 281 15.94 10.90 -1.30
C TYR A 281 16.97 12.02 -1.24
N ASN A 282 18.07 11.76 -0.55
CA ASN A 282 19.30 12.59 -0.64
C ASN A 282 20.39 11.80 -1.34
N LEU A 283 21.18 12.47 -2.16
CA LEU A 283 22.32 11.86 -2.82
C LEU A 283 23.30 11.38 -1.73
N ILE A 284 23.92 10.20 -1.93
CA ILE A 284 25.07 9.72 -1.13
C ILE A 284 26.30 9.35 -1.97
N ALA A 285 26.19 9.10 -3.26
CA ALA A 285 27.40 8.88 -4.06
C ALA A 285 27.13 9.08 -5.54
N VAL A 286 28.20 9.34 -6.30
CA VAL A 286 28.14 9.43 -7.78
C VAL A 286 29.35 8.75 -8.38
N SER A 287 29.15 7.89 -9.39
CA SER A 287 30.24 7.36 -10.23
C SER A 287 30.40 8.31 -11.40
N ASN A 288 31.61 8.86 -11.58
CA ASN A 288 31.87 9.78 -12.73
C ASN A 288 32.64 9.03 -13.81
N HIS A 289 32.52 9.47 -15.08
CA HIS A 289 33.27 8.90 -16.20
C HIS A 289 33.76 10.07 -17.06
N TYR A 290 35.04 10.03 -17.40
CA TYR A 290 35.74 11.06 -18.23
C TYR A 290 36.33 10.39 -19.47
N GLY A 291 36.18 11.01 -20.66
CA GLY A 291 36.67 10.41 -21.91
C GLY A 291 35.54 9.65 -22.57
N GLY A 292 35.84 8.64 -23.40
CA GLY A 292 34.87 7.96 -24.30
C GLY A 292 34.67 6.50 -23.96
N MET A 293 33.85 5.77 -24.73
CA MET A 293 33.19 4.51 -24.28
C MET A 293 34.17 3.45 -23.73
N GLY A 294 35.05 2.89 -24.59
CA GLY A 294 35.90 1.70 -24.35
C GLY A 294 37.15 2.01 -23.52
N GLY A 295 37.46 3.31 -23.36
CA GLY A 295 38.54 3.84 -22.50
C GLY A 295 38.03 4.90 -21.53
N GLY A 296 38.80 5.97 -21.32
CA GLY A 296 38.53 7.01 -20.33
C GLY A 296 38.81 6.49 -18.91
N HIS A 297 38.27 7.18 -17.90
CA HIS A 297 38.66 7.05 -16.47
C HIS A 297 37.43 7.28 -15.57
N TYR A 298 37.30 6.47 -14.55
CA TYR A 298 36.20 6.56 -13.55
C TYR A 298 36.74 7.11 -12.24
N THR A 299 35.91 7.92 -11.60
CA THR A 299 36.12 8.41 -10.24
C THR A 299 34.78 8.36 -9.49
N ALA A 300 34.77 8.84 -8.27
CA ALA A 300 33.53 8.93 -7.49
C ALA A 300 33.53 10.11 -6.53
N PHE A 301 32.35 10.65 -6.36
CA PHE A 301 31.99 11.53 -5.26
C PHE A 301 31.27 10.62 -4.23
N ALA A 302 31.55 10.81 -2.98
CA ALA A 302 30.69 10.17 -1.95
C ALA A 302 30.63 11.00 -0.67
N LYS A 303 29.48 10.89 0.01
CA LYS A 303 29.20 11.58 1.28
C LYS A 303 29.64 10.60 2.36
N ASN A 304 30.57 10.99 3.22
CA ASN A 304 31.06 10.11 4.31
C ASN A 304 29.97 10.04 5.41
N LYS A 305 29.59 8.84 5.83
CA LYS A 305 28.44 8.67 6.75
C LYS A 305 28.74 9.25 8.13
N ASP A 306 30.01 9.42 8.48
CA ASP A 306 30.40 9.86 9.84
C ASP A 306 30.34 11.40 9.93
N ASP A 307 30.95 12.08 8.98
CA ASP A 307 31.09 13.55 9.09
C ASP A 307 30.04 14.24 8.23
N GLY A 308 29.28 13.52 7.40
CA GLY A 308 28.32 14.15 6.46
C GLY A 308 28.96 15.03 5.40
N LYS A 309 30.28 14.95 5.16
CA LYS A 309 30.91 15.81 4.10
C LYS A 309 31.14 15.01 2.82
N TRP A 310 31.34 15.73 1.74
CA TRP A 310 31.60 15.17 0.40
C TRP A 310 33.10 15.07 0.14
N TYR A 311 33.49 13.97 -0.48
CA TYR A 311 34.88 13.68 -0.86
C TYR A 311 34.92 13.18 -2.29
N TYR A 312 36.09 13.34 -2.89
CA TYR A 312 36.34 12.95 -4.31
C TYR A 312 37.37 11.84 -4.25
N PHE A 313 37.05 10.70 -4.85
CA PHE A 313 37.88 9.49 -4.82
C PHE A 313 38.32 9.24 -6.27
N ASP A 314 39.61 9.36 -6.49
CA ASP A 314 40.27 9.14 -7.80
C ASP A 314 41.37 8.11 -7.59
N ASP A 315 41.02 6.84 -7.72
CA ASP A 315 41.82 5.67 -7.36
C ASP A 315 42.38 5.88 -5.95
N SER A 316 43.69 5.98 -5.80
CA SER A 316 44.37 6.04 -4.48
C SER A 316 44.23 7.41 -3.79
N SER A 317 43.74 8.41 -4.50
CA SER A 317 43.68 9.79 -3.99
C SER A 317 42.29 10.05 -3.42
N VAL A 318 42.21 10.66 -2.25
CA VAL A 318 40.96 11.14 -1.64
C VAL A 318 41.07 12.61 -1.26
N SER A 319 40.12 13.43 -1.65
CA SER A 319 40.21 14.88 -1.44
C SER A 319 38.84 15.42 -1.09
N THR A 320 38.81 16.52 -0.35
CA THR A 320 37.57 17.17 0.04
C THR A 320 36.94 17.69 -1.25
N ALA A 321 35.61 17.60 -1.37
CA ALA A 321 34.84 18.14 -2.52
C ALA A 321 33.80 19.09 -1.97
N SER A 322 33.39 20.04 -2.80
CA SER A 322 32.27 20.95 -2.51
C SER A 322 31.10 20.44 -3.32
N GLU A 323 29.90 20.66 -2.79
CA GLU A 323 28.63 20.21 -3.40
C GLU A 323 28.52 20.81 -4.80
N ASP A 324 29.17 21.94 -5.05
CA ASP A 324 29.08 22.70 -6.32
C ASP A 324 29.73 21.92 -7.46
N GLN A 325 30.65 21.04 -7.16
CA GLN A 325 31.41 20.22 -8.15
C GLN A 325 30.68 18.91 -8.53
N ILE A 326 29.79 18.38 -7.67
CA ILE A 326 29.11 17.07 -7.90
C ILE A 326 28.33 17.02 -9.23
N VAL A 327 27.52 18.04 -9.56
CA VAL A 327 26.65 17.96 -10.77
C VAL A 327 27.50 18.40 -11.96
N SER A 328 27.92 17.43 -12.77
CA SER A 328 28.63 17.66 -14.03
C SER A 328 28.19 16.60 -15.04
N LYS A 329 28.57 16.82 -16.31
CA LYS A 329 28.31 15.83 -17.38
C LYS A 329 29.05 14.48 -17.13
N ALA A 330 30.05 14.46 -16.26
CA ALA A 330 30.82 13.24 -15.96
C ALA A 330 29.97 12.26 -15.11
N ALA A 331 28.90 12.72 -14.49
CA ALA A 331 28.00 11.91 -13.63
C ALA A 331 27.40 10.76 -14.45
N TYR A 332 27.54 9.53 -13.97
CA TYR A 332 27.13 8.34 -14.77
C TYR A 332 26.11 7.50 -13.97
N VAL A 333 26.50 7.12 -12.77
CA VAL A 333 25.60 6.38 -11.80
C VAL A 333 25.43 7.19 -10.53
N LEU A 334 24.17 7.39 -10.12
CA LEU A 334 23.83 8.19 -8.94
C LEU A 334 23.29 7.21 -7.90
N PHE A 335 23.75 7.35 -6.69
CA PHE A 335 23.22 6.62 -5.50
C PHE A 335 22.45 7.62 -4.62
N TYR A 336 21.16 7.35 -4.38
CA TYR A 336 20.26 8.15 -3.52
C TYR A 336 19.85 7.30 -2.32
N GLN A 337 19.74 7.88 -1.13
CA GLN A 337 19.16 7.10 0.03
C GLN A 337 17.91 7.82 0.52
N ARG A 338 16.88 7.01 0.81
CA ARG A 338 15.55 7.52 1.25
C ARG A 338 15.74 8.06 2.68
N GLN A 339 15.28 9.30 2.94
CA GLN A 339 15.44 9.98 4.26
C GLN A 339 14.90 9.13 5.44
N ASP A 340 13.81 8.40 5.24
CA ASP A 340 13.12 7.69 6.34
C ASP A 340 13.95 6.46 6.70
N THR A 341 15.06 6.17 5.97
CA THR A 341 15.84 4.92 6.22
C THR A 341 17.18 5.25 6.88
N PHE A 342 17.51 6.54 7.02
CA PHE A 342 18.83 6.99 7.53
C PHE A 342 19.14 6.31 8.88
N SER A 343 20.42 6.12 9.14
CA SER A 343 20.93 5.71 10.47
C SER A 343 20.32 6.59 11.57
N GLY A 344 19.78 5.97 12.63
CA GLY A 344 19.11 6.71 13.70
C GLY A 344 17.59 6.73 13.57
N THR A 345 17.04 6.34 12.42
CA THR A 345 15.56 6.17 12.27
C THR A 345 15.09 4.82 12.82
N GLY A 346 15.99 3.83 12.91
CA GLY A 346 15.64 2.43 13.25
C GLY A 346 14.99 1.69 12.08
N PHE A 347 15.03 2.22 10.84
CA PHE A 347 14.41 1.56 9.66
C PHE A 347 15.03 0.17 9.45
N PHE A 348 16.36 0.10 9.36
CA PHE A 348 17.07 -1.18 9.12
C PHE A 348 17.21 -1.97 10.42
N PRO A 349 17.03 -3.31 10.37
CA PRO A 349 17.07 -4.10 11.61
C PRO A 349 18.37 -3.84 12.37
N LEU A 350 19.53 -3.82 11.70
CA LEU A 350 20.84 -3.53 12.35
C LEU A 350 20.80 -2.17 13.07
N ASP A 351 20.21 -1.15 12.45
CA ASP A 351 20.11 0.19 13.04
C ASP A 351 19.24 0.09 14.30
N ARG A 352 18.10 -0.60 14.18
CA ARG A 352 17.10 -0.73 15.28
C ARG A 352 17.76 -1.46 16.45
N GLU A 353 18.42 -2.59 16.17
CA GLU A 353 19.12 -3.43 17.19
C GLU A 353 20.16 -2.56 17.91
N THR A 354 20.97 -1.81 17.13
CA THR A 354 22.04 -0.93 17.69
C THR A 354 21.40 0.13 18.58
N LEU A 355 20.38 0.83 18.05
CA LEU A 355 19.67 1.88 18.84
C LEU A 355 19.13 1.26 20.13
N GLU A 356 18.39 0.17 20.05
CA GLU A 356 17.76 -0.51 21.23
C GLU A 356 18.86 -0.92 22.22
N HIS A 357 19.99 -1.41 21.70
CA HIS A 357 21.18 -1.77 22.51
C HIS A 357 21.74 -0.53 23.24
N HIS A 358 21.86 0.61 22.55
CA HIS A 358 22.48 1.87 23.06
C HIS A 358 21.53 2.71 23.94
N HIS A 359 20.23 2.40 23.97
CA HIS A 359 19.22 3.16 24.74
C HIS A 359 18.71 2.29 25.89
N GLU B 2 -45.45 -7.05 -8.88
CA GLU B 2 -44.28 -6.91 -7.94
C GLU B 2 -44.01 -5.44 -7.66
N GLN B 3 -43.54 -5.14 -6.46
CA GLN B 3 -43.26 -3.76 -6.01
C GLN B 3 -41.74 -3.58 -6.04
N PRO B 4 -41.24 -2.42 -6.52
CA PRO B 4 -39.82 -2.13 -6.41
C PRO B 4 -39.23 -2.38 -5.00
N GLY B 5 -38.07 -3.02 -4.96
CA GLY B 5 -37.31 -3.29 -3.73
C GLY B 5 -37.81 -4.51 -2.99
N LEU B 6 -39.00 -5.00 -3.28
CA LEU B 6 -39.53 -6.19 -2.56
C LEU B 6 -39.12 -7.43 -3.34
N CYS B 7 -37.83 -7.65 -3.43
CA CYS B 7 -37.24 -8.59 -4.39
C CYS B 7 -36.22 -9.44 -3.64
N GLY B 8 -36.45 -10.76 -3.64
CA GLY B 8 -35.59 -11.69 -2.88
C GLY B 8 -34.37 -12.02 -3.70
N LEU B 9 -33.53 -12.86 -3.16
CA LEU B 9 -32.28 -13.25 -3.83
C LEU B 9 -32.11 -14.75 -3.67
N SER B 10 -31.92 -15.47 -4.77
CA SER B 10 -31.68 -16.93 -4.73
C SER B 10 -30.35 -17.22 -4.02
N ASN B 11 -30.39 -18.19 -3.14
CA ASN B 11 -29.20 -18.78 -2.50
C ASN B 11 -28.48 -19.59 -3.58
N LEU B 12 -27.18 -19.35 -3.78
CA LEU B 12 -26.36 -20.07 -4.78
C LEU B 12 -25.51 -21.15 -4.11
N GLY B 13 -25.72 -21.39 -2.81
CA GLY B 13 -24.88 -22.35 -2.06
C GLY B 13 -24.10 -21.67 -0.95
N ASN B 14 -24.69 -21.61 0.24
CA ASN B 14 -24.15 -20.90 1.42
C ASN B 14 -23.83 -19.43 1.06
N THR B 15 -24.69 -18.76 0.29
CA THR B 15 -24.52 -17.33 -0.04
C THR B 15 -25.55 -16.45 0.68
N CYS B 16 -26.27 -16.96 1.68
CA CYS B 16 -27.20 -16.14 2.47
C CYS B 16 -26.44 -14.99 3.19
N PHE B 17 -25.16 -15.13 3.52
CA PHE B 17 -24.33 -14.03 4.09
C PHE B 17 -24.26 -12.86 3.06
N MET B 18 -24.20 -13.21 1.80
CA MET B 18 -24.16 -12.19 0.70
C MET B 18 -25.54 -11.57 0.50
N ASN B 19 -26.59 -12.38 0.47
CA ASN B 19 -27.97 -11.90 0.26
C ASN B 19 -28.40 -10.99 1.40
N SER B 20 -27.98 -11.31 2.60
CA SER B 20 -28.32 -10.49 3.77
C SER B 20 -27.66 -9.11 3.66
N ALA B 21 -26.37 -9.07 3.34
CA ALA B 21 -25.60 -7.83 3.16
C ALA B 21 -26.23 -7.02 2.02
N ILE B 22 -26.59 -7.69 0.94
CA ILE B 22 -27.16 -6.97 -0.24
C ILE B 22 -28.49 -6.34 0.17
N GLN B 23 -29.33 -7.03 0.93
CA GLN B 23 -30.65 -6.49 1.34
C GLN B 23 -30.50 -5.26 2.23
N CYS B 24 -29.47 -5.21 3.09
CA CYS B 24 -29.20 -4.04 3.92
C CYS B 24 -28.79 -2.86 2.99
N LEU B 25 -27.86 -3.08 2.10
CA LEU B 25 -27.32 -2.01 1.20
C LEU B 25 -28.44 -1.60 0.26
N SER B 26 -29.18 -2.57 -0.29
CA SER B 26 -30.28 -2.27 -1.23
C SER B 26 -31.25 -1.30 -0.55
N ASN B 27 -31.48 -1.48 0.77
CA ASN B 27 -32.42 -0.63 1.53
C ASN B 27 -31.73 0.50 2.30
N THR B 28 -30.60 0.99 1.76
CA THR B 28 -29.97 2.22 2.18
C THR B 28 -30.36 3.24 1.12
N PRO B 29 -31.35 4.12 1.39
CA PRO B 29 -31.97 4.93 0.31
C PRO B 29 -31.02 5.76 -0.52
N PRO B 30 -30.07 6.51 0.08
CA PRO B 30 -29.22 7.42 -0.71
C PRO B 30 -28.27 6.61 -1.59
N LEU B 31 -27.95 5.37 -1.19
CA LEU B 31 -27.08 4.49 -2.03
C LEU B 31 -27.86 3.96 -3.25
N THR B 32 -29.06 3.43 -3.03
CA THR B 32 -29.87 2.85 -4.09
C THR B 32 -30.24 3.98 -5.07
N GLU B 33 -30.56 5.16 -4.56
CA GLU B 33 -31.02 6.31 -5.40
C GLU B 33 -29.88 6.74 -6.32
N TYR B 34 -28.66 6.75 -5.82
CA TYR B 34 -27.46 7.08 -6.64
C TYR B 34 -27.34 6.15 -7.85
N PHE B 35 -27.49 4.84 -7.65
CA PHE B 35 -27.41 3.78 -8.71
C PHE B 35 -28.68 3.83 -9.60
N LEU B 36 -29.89 3.98 -9.03
CA LEU B 36 -31.11 4.01 -9.89
C LEU B 36 -31.12 5.26 -10.81
N ASN B 37 -30.46 6.33 -10.37
CA ASN B 37 -30.45 7.61 -11.17
C ASN B 37 -29.23 7.71 -12.08
N ASP B 38 -28.49 6.61 -12.27
CA ASP B 38 -27.29 6.46 -13.13
C ASP B 38 -26.25 7.53 -12.83
N LYS B 39 -26.03 7.85 -11.56
CA LYS B 39 -25.02 8.83 -11.14
C LYS B 39 -23.61 8.23 -11.09
N TYR B 40 -23.50 6.91 -11.23
CA TYR B 40 -22.26 6.15 -10.95
C TYR B 40 -21.40 6.11 -12.21
N GLN B 41 -22.01 5.94 -13.40
CA GLN B 41 -21.25 5.75 -14.66
C GLN B 41 -20.14 6.80 -14.81
N GLU B 42 -20.43 8.05 -14.49
CA GLU B 42 -19.46 9.16 -14.69
C GLU B 42 -18.38 9.07 -13.61
N GLU B 43 -18.63 8.31 -12.52
CA GLU B 43 -17.73 8.32 -11.36
C GLU B 43 -16.91 7.04 -11.31
N LEU B 44 -17.19 6.05 -12.17
CA LEU B 44 -16.41 4.78 -12.18
C LEU B 44 -14.93 5.09 -12.35
N ASN B 45 -14.09 4.46 -11.52
CA ASN B 45 -12.63 4.67 -11.48
C ASN B 45 -11.96 3.37 -11.92
N PHE B 46 -11.76 3.22 -13.22
CA PHE B 46 -11.25 1.98 -13.86
C PHE B 46 -9.77 1.77 -13.52
N ASP B 47 -8.97 2.82 -13.29
CA ASP B 47 -7.49 2.73 -13.13
C ASP B 47 -7.06 2.60 -11.66
N ASN B 48 -7.94 2.80 -10.69
CA ASN B 48 -7.56 2.82 -9.27
C ASN B 48 -6.82 1.52 -8.92
N PRO B 49 -5.55 1.56 -8.47
CA PRO B 49 -4.87 0.35 -8.00
C PRO B 49 -5.51 -0.36 -6.81
N LEU B 50 -6.34 0.35 -6.02
CA LEU B 50 -7.04 -0.23 -4.84
C LEU B 50 -8.45 -0.71 -5.18
N GLY B 51 -8.97 -0.34 -6.34
CA GLY B 51 -10.31 -0.76 -6.76
C GLY B 51 -10.34 -2.13 -7.42
N MET B 52 -11.50 -2.46 -7.97
CA MET B 52 -11.78 -3.75 -8.66
C MET B 52 -12.11 -3.48 -10.14
N ARG B 53 -11.47 -2.46 -10.75
CA ARG B 53 -11.65 -2.03 -12.16
C ARG B 53 -13.08 -1.60 -12.46
N GLY B 54 -13.82 -1.13 -11.46
CA GLY B 54 -15.22 -0.69 -11.60
C GLY B 54 -16.19 -1.85 -11.63
N GLU B 55 -15.70 -3.07 -11.59
CA GLU B 55 -16.50 -4.30 -11.77
C GLU B 55 -17.43 -4.53 -10.60
N ILE B 56 -17.07 -4.08 -9.40
CA ILE B 56 -17.96 -4.33 -8.22
C ILE B 56 -19.10 -3.30 -8.26
N ALA B 57 -18.77 -2.04 -8.47
CA ALA B 57 -19.74 -0.94 -8.64
C ALA B 57 -20.71 -1.25 -9.81
N LYS B 58 -20.18 -1.61 -10.98
CA LYS B 58 -21.01 -1.98 -12.16
C LYS B 58 -21.93 -3.15 -11.88
N SER B 59 -21.45 -4.24 -11.25
CA SER B 59 -22.29 -5.43 -11.09
C SER B 59 -23.32 -5.13 -10.00
N TYR B 60 -22.94 -4.39 -8.95
CA TYR B 60 -23.86 -3.99 -7.83
C TYR B 60 -24.97 -3.12 -8.42
N ALA B 61 -24.60 -2.14 -9.26
CA ALA B 61 -25.56 -1.23 -9.88
C ALA B 61 -26.58 -2.04 -10.69
N GLU B 62 -26.13 -2.98 -11.51
CA GLU B 62 -27.03 -3.81 -12.36
C GLU B 62 -27.95 -4.67 -11.52
N LEU B 63 -27.47 -5.23 -10.43
CA LEU B 63 -28.34 -6.03 -9.50
C LEU B 63 -29.40 -5.14 -8.85
N ILE B 64 -29.01 -3.96 -8.36
CA ILE B 64 -29.93 -3.01 -7.69
C ILE B 64 -31.02 -2.58 -8.68
N LYS B 65 -30.61 -2.29 -9.91
CA LYS B 65 -31.60 -1.91 -10.94
C LYS B 65 -32.64 -3.01 -11.12
N GLN B 66 -32.20 -4.27 -11.19
CA GLN B 66 -33.09 -5.46 -11.24
C GLN B 66 -34.02 -5.45 -10.03
N MET B 67 -33.45 -5.36 -8.82
CA MET B 67 -34.22 -5.49 -7.56
C MET B 67 -35.27 -4.39 -7.39
N TRP B 68 -35.05 -3.18 -7.97
CA TRP B 68 -35.93 -1.98 -7.84
C TRP B 68 -36.67 -1.71 -9.16
N SER B 69 -36.60 -2.61 -10.12
CA SER B 69 -37.37 -2.51 -11.39
C SER B 69 -38.87 -2.80 -11.14
N GLY B 70 -39.22 -3.52 -10.07
CA GLY B 70 -40.57 -4.07 -9.85
C GLY B 70 -40.96 -5.14 -10.87
N LYS B 71 -40.01 -5.76 -11.55
CA LYS B 71 -40.31 -6.81 -12.55
C LYS B 71 -40.20 -8.19 -11.92
N PHE B 72 -39.59 -8.30 -10.74
CA PHE B 72 -39.14 -9.59 -10.18
C PHE B 72 -39.60 -9.78 -8.74
N SER B 73 -40.01 -10.99 -8.40
CA SER B 73 -40.28 -11.40 -7.00
C SER B 73 -38.94 -11.79 -6.37
N TYR B 74 -38.01 -12.29 -7.19
CA TYR B 74 -36.61 -12.59 -6.77
C TYR B 74 -35.71 -12.63 -7.99
N VAL B 75 -34.44 -12.38 -7.76
CA VAL B 75 -33.42 -12.54 -8.81
C VAL B 75 -32.32 -13.43 -8.30
N THR B 76 -31.58 -14.00 -9.25
CA THR B 76 -30.39 -14.79 -8.99
C THR B 76 -29.16 -13.91 -9.16
N PRO B 77 -28.45 -13.52 -8.06
CA PRO B 77 -27.34 -12.58 -8.16
C PRO B 77 -26.01 -13.24 -8.57
N ARG B 78 -26.03 -13.99 -9.67
CA ARG B 78 -24.89 -14.81 -10.17
C ARG B 78 -23.71 -13.90 -10.60
N ALA B 79 -23.97 -12.90 -11.44
CA ALA B 79 -22.89 -12.03 -11.98
C ALA B 79 -22.21 -11.29 -10.81
N PHE B 80 -22.96 -10.81 -9.83
CA PHE B 80 -22.42 -10.10 -8.65
C PHE B 80 -21.59 -11.10 -7.81
N LYS B 81 -22.13 -12.29 -7.55
CA LYS B 81 -21.39 -13.32 -6.77
C LYS B 81 -20.08 -13.62 -7.49
N THR B 82 -20.14 -13.77 -8.80
CA THR B 82 -18.94 -14.04 -9.62
C THR B 82 -17.93 -12.89 -9.48
N GLN B 83 -18.33 -11.61 -9.55
CA GLN B 83 -17.34 -10.50 -9.43
C GLN B 83 -16.77 -10.45 -8.01
N VAL B 84 -17.60 -10.64 -6.99
CA VAL B 84 -17.14 -10.67 -5.58
C VAL B 84 -16.04 -11.73 -5.47
N GLY B 85 -16.31 -12.96 -5.92
CA GLY B 85 -15.40 -14.10 -5.88
C GLY B 85 -14.07 -13.80 -6.57
N ARG B 86 -14.13 -13.11 -7.69
CA ARG B 86 -12.98 -12.77 -8.57
C ARG B 86 -12.06 -11.78 -7.86
N PHE B 87 -12.61 -10.78 -7.19
CA PHE B 87 -11.83 -9.74 -6.46
C PHE B 87 -11.65 -10.04 -4.96
N ALA B 88 -12.34 -11.01 -4.39
CA ALA B 88 -12.24 -11.35 -2.94
C ALA B 88 -12.37 -12.85 -2.80
N PRO B 89 -11.32 -13.61 -3.16
CA PRO B 89 -11.41 -15.07 -3.28
C PRO B 89 -11.83 -15.82 -1.99
N GLN B 90 -11.66 -15.21 -0.82
CA GLN B 90 -12.16 -15.74 0.47
C GLN B 90 -13.69 -15.91 0.42
N PHE B 91 -14.42 -15.15 -0.40
CA PHE B 91 -15.89 -15.29 -0.60
C PHE B 91 -16.23 -16.05 -1.92
N SER B 92 -15.22 -16.59 -2.62
CA SER B 92 -15.42 -17.30 -3.91
C SER B 92 -15.87 -18.76 -3.71
N GLY B 93 -15.77 -19.29 -2.49
CA GLY B 93 -16.22 -20.66 -2.15
C GLY B 93 -17.72 -20.78 -2.05
N TYR B 94 -18.19 -21.90 -1.49
CA TYR B 94 -19.63 -22.19 -1.23
C TYR B 94 -19.76 -22.80 0.19
N GLN B 95 -19.00 -22.28 1.14
CA GLN B 95 -19.23 -22.49 2.59
C GLN B 95 -19.47 -21.14 3.30
N GLN B 96 -20.08 -21.18 4.49
CA GLN B 96 -20.68 -19.97 5.11
C GLN B 96 -19.58 -18.97 5.46
N GLN B 97 -19.90 -17.69 5.37
CA GLN B 97 -18.93 -16.60 5.61
C GLN B 97 -19.51 -15.68 6.69
N ASP B 98 -18.72 -14.71 7.08
CA ASP B 98 -19.15 -13.64 7.99
C ASP B 98 -19.72 -12.50 7.14
N CYS B 99 -21.02 -12.25 7.27
CA CYS B 99 -21.76 -11.12 6.63
C CYS B 99 -21.01 -9.79 6.82
N GLN B 100 -20.44 -9.54 8.01
CA GLN B 100 -19.75 -8.27 8.32
C GLN B 100 -18.44 -8.11 7.52
N GLU B 101 -17.70 -9.20 7.31
CA GLU B 101 -16.48 -9.20 6.49
C GLU B 101 -16.88 -8.84 5.06
N LEU B 102 -17.96 -9.44 4.57
CA LEU B 102 -18.40 -9.12 3.19
C LEU B 102 -18.80 -7.66 3.10
N LEU B 103 -19.62 -7.17 4.07
CA LEU B 103 -19.96 -5.73 4.12
C LEU B 103 -18.74 -4.84 4.14
N ALA B 104 -17.76 -5.14 4.98
CA ALA B 104 -16.47 -4.41 5.04
C ALA B 104 -15.85 -4.35 3.65
N PHE B 105 -15.79 -5.51 2.98
CA PHE B 105 -15.23 -5.61 1.63
C PHE B 105 -16.03 -4.72 0.67
N LEU B 106 -17.36 -4.75 0.71
CA LEU B 106 -18.20 -4.09 -0.32
C LEU B 106 -18.13 -2.58 -0.12
N LEU B 107 -18.17 -2.15 1.15
CA LEU B 107 -18.04 -0.69 1.42
C LEU B 107 -16.70 -0.17 0.88
N ASP B 108 -15.61 -0.92 1.08
CA ASP B 108 -14.29 -0.51 0.56
C ASP B 108 -14.24 -0.62 -0.98
N GLY B 109 -14.71 -1.75 -1.53
CA GLY B 109 -14.72 -1.99 -2.98
C GLY B 109 -15.56 -0.95 -3.72
N LEU B 110 -16.79 -0.69 -3.27
CA LEU B 110 -17.67 0.31 -3.90
C LEU B 110 -16.96 1.65 -3.88
N HIS B 111 -16.40 1.99 -2.72
CA HIS B 111 -15.72 3.27 -2.47
C HIS B 111 -14.60 3.43 -3.51
N GLU B 112 -13.73 2.43 -3.58
CA GLU B 112 -12.54 2.55 -4.46
C GLU B 112 -12.95 2.55 -5.95
N ASP B 113 -13.98 1.80 -6.33
CA ASP B 113 -14.52 1.80 -7.72
C ASP B 113 -15.16 3.13 -8.11
N LEU B 114 -15.60 3.92 -7.12
CA LEU B 114 -16.30 5.21 -7.36
C LEU B 114 -15.47 6.40 -6.86
N ASN B 115 -14.21 6.17 -6.44
CA ASN B 115 -13.42 7.19 -5.76
C ASN B 115 -13.16 8.32 -6.77
N ARG B 116 -13.45 9.55 -6.34
CA ARG B 116 -13.28 10.77 -7.20
C ARG B 116 -11.81 11.20 -7.21
N ILE B 117 -10.97 10.73 -6.28
CA ILE B 117 -9.52 11.08 -6.30
C ILE B 117 -8.82 10.21 -7.36
N ARG B 118 -8.16 10.83 -8.32
CA ARG B 118 -7.53 10.13 -9.47
C ARG B 118 -6.15 9.61 -9.06
N LYS B 119 -5.41 10.34 -8.23
CA LYS B 119 -4.12 9.88 -7.67
C LYS B 119 -4.05 10.32 -6.21
N LYS B 120 -3.93 9.36 -5.30
CA LYS B 120 -3.93 9.61 -3.84
C LYS B 120 -2.59 10.22 -3.45
N PRO B 121 -2.55 11.44 -2.84
CA PRO B 121 -1.29 11.99 -2.32
C PRO B 121 -0.89 11.32 -1.00
N TYR B 122 0.41 11.18 -0.77
CA TYR B 122 0.97 10.78 0.54
C TYR B 122 0.72 11.91 1.52
N ILE B 123 0.28 11.56 2.73
CA ILE B 123 -0.04 12.49 3.84
C ILE B 123 0.91 12.17 4.98
N GLN B 124 1.66 13.17 5.45
CA GLN B 124 2.54 13.05 6.63
C GLN B 124 1.66 12.89 7.88
N LEU B 125 1.40 11.64 8.29
CA LEU B 125 0.58 11.30 9.48
C LEU B 125 1.14 12.03 10.71
N LYS B 126 0.24 12.55 11.56
CA LYS B 126 0.60 13.43 12.70
C LYS B 126 -0.28 13.12 13.90
N ASP B 127 0.36 13.03 15.06
CA ASP B 127 -0.29 13.02 16.39
C ASP B 127 -0.88 14.42 16.62
N ALA B 128 -1.79 14.54 17.59
CA ALA B 128 -2.42 15.81 18.02
C ALA B 128 -1.33 16.82 18.41
N ASP B 129 -0.27 16.35 19.08
CA ASP B 129 0.87 17.16 19.57
C ASP B 129 0.33 18.22 20.54
N GLY B 130 -0.53 17.81 21.48
CA GLY B 130 -1.14 18.71 22.48
C GLY B 130 -2.02 19.81 21.88
N ARG B 131 -2.28 19.76 20.56
CA ARG B 131 -3.18 20.71 19.85
C ARG B 131 -4.63 20.45 20.26
N PRO B 132 -5.56 21.41 20.03
CA PRO B 132 -6.98 21.20 20.35
C PRO B 132 -7.65 20.17 19.42
N ASP B 133 -8.60 19.40 19.95
CA ASP B 133 -9.34 18.36 19.16
C ASP B 133 -9.92 18.94 17.84
N LYS B 134 -10.54 20.11 17.88
CA LYS B 134 -11.31 20.57 16.70
C LYS B 134 -10.33 20.68 15.53
N VAL B 135 -9.14 21.19 15.77
CA VAL B 135 -8.16 21.43 14.67
C VAL B 135 -7.64 20.08 14.17
N VAL B 136 -7.26 19.18 15.07
CA VAL B 136 -6.73 17.85 14.71
C VAL B 136 -7.82 17.05 13.96
N ALA B 137 -9.06 17.10 14.44
CA ALA B 137 -10.20 16.40 13.81
C ALA B 137 -10.43 16.95 12.38
N GLU B 138 -10.51 18.26 12.25
CA GLU B 138 -10.75 18.93 10.94
C GLU B 138 -9.59 18.58 10.00
N GLU B 139 -8.35 18.55 10.48
CA GLU B 139 -7.17 18.16 9.67
C GLU B 139 -7.31 16.71 9.16
N ALA B 140 -7.64 15.76 10.07
CA ALA B 140 -7.83 14.33 9.78
C ALA B 140 -8.87 14.17 8.68
N TRP B 141 -9.99 14.89 8.79
CA TRP B 141 -11.13 14.80 7.84
C TRP B 141 -10.73 15.36 6.45
N GLU B 142 -10.10 16.52 6.41
CA GLU B 142 -9.58 17.10 5.14
C GLU B 142 -8.58 16.13 4.48
N ASN B 143 -7.64 15.60 5.27
CA ASN B 143 -6.65 14.63 4.80
C ASN B 143 -7.36 13.40 4.22
N HIS B 144 -8.37 12.86 4.93
CA HIS B 144 -9.15 11.67 4.49
C HIS B 144 -9.74 11.97 3.12
N LEU B 145 -10.37 13.13 2.96
CA LEU B 145 -11.07 13.55 1.71
C LEU B 145 -10.11 13.81 0.53
N LYS B 146 -8.85 14.18 0.78
CA LYS B 146 -7.79 14.34 -0.27
C LYS B 146 -7.41 12.96 -0.83
N ARG B 147 -7.68 11.86 -0.12
CA ARG B 147 -7.35 10.48 -0.56
C ARG B 147 -8.64 9.73 -0.91
N ASN B 148 -9.77 10.07 -0.26
CA ASN B 148 -11.02 9.28 -0.27
C ASN B 148 -12.25 10.19 -0.43
N ASP B 149 -12.78 10.25 -1.65
CA ASP B 149 -13.93 11.14 -1.96
C ASP B 149 -14.91 10.37 -2.83
N SER B 150 -15.99 9.86 -2.23
CA SER B 150 -16.98 9.06 -2.97
C SER B 150 -18.36 9.11 -2.34
N ILE B 151 -19.32 8.54 -3.06
CA ILE B 151 -20.70 8.39 -2.58
C ILE B 151 -20.64 7.59 -1.27
N ILE B 152 -19.68 6.67 -1.14
CA ILE B 152 -19.58 5.80 0.08
C ILE B 152 -19.12 6.64 1.26
N VAL B 153 -18.23 7.58 1.00
CA VAL B 153 -17.70 8.51 2.02
C VAL B 153 -18.87 9.37 2.49
N ASP B 154 -19.62 9.90 1.53
CA ASP B 154 -20.76 10.82 1.76
C ASP B 154 -21.78 10.13 2.67
N ILE B 155 -22.03 8.85 2.44
CA ILE B 155 -23.14 8.15 3.15
C ILE B 155 -22.61 7.53 4.48
N PHE B 156 -21.47 6.85 4.47
CA PHE B 156 -21.15 5.85 5.55
C PHE B 156 -19.99 6.30 6.46
N HIS B 157 -19.21 7.33 6.11
CA HIS B 157 -17.91 7.54 6.80
C HIS B 157 -18.09 8.53 7.94
N GLY B 158 -17.57 8.19 9.12
CA GLY B 158 -17.51 9.03 10.31
C GLY B 158 -16.07 9.15 10.77
N LEU B 159 -15.88 9.78 11.93
CA LEU B 159 -14.54 10.07 12.47
C LEU B 159 -14.56 9.69 13.94
N PHE B 160 -13.60 8.87 14.36
CA PHE B 160 -13.43 8.60 15.81
C PHE B 160 -12.04 9.10 16.24
N LYS B 161 -11.96 9.43 17.53
CA LYS B 161 -10.74 9.82 18.27
C LYS B 161 -10.17 8.60 19.02
N SER B 162 -8.86 8.37 18.86
CA SER B 162 -8.11 7.33 19.61
C SER B 162 -7.09 8.01 20.54
N THR B 163 -7.10 7.64 21.82
CA THR B 163 -6.18 8.22 22.83
C THR B 163 -5.39 7.09 23.48
N LEU B 164 -4.08 7.08 23.21
CA LEU B 164 -3.12 6.09 23.75
C LEU B 164 -2.26 6.80 24.79
N VAL B 165 -2.12 6.18 25.96
CA VAL B 165 -1.37 6.74 27.11
C VAL B 165 -0.23 5.80 27.46
N CYS B 166 1.01 6.24 27.23
CA CYS B 166 2.23 5.52 27.65
C CYS B 166 2.28 5.51 29.17
N PRO B 167 2.36 4.33 29.81
CA PRO B 167 2.50 4.27 31.27
C PRO B 167 3.88 4.73 31.77
N GLU B 168 4.84 5.07 30.87
CA GLU B 168 6.23 5.41 31.25
C GLU B 168 6.47 6.92 31.17
N CYS B 169 6.47 7.50 29.97
CA CYS B 169 6.88 8.92 29.75
C CYS B 169 5.66 9.86 29.81
N ALA B 170 4.48 9.34 30.20
CA ALA B 170 3.20 10.08 30.29
C ALA B 170 2.66 10.44 28.90
N LYS B 171 3.35 10.05 27.81
CA LYS B 171 3.02 10.41 26.40
C LYS B 171 1.54 10.14 26.13
N ILE B 172 0.77 11.23 25.95
CA ILE B 172 -0.62 11.16 25.42
C ILE B 172 -0.49 11.21 23.89
N SER B 173 -0.94 10.16 23.22
CA SER B 173 -0.95 10.02 21.75
C SER B 173 -2.38 10.02 21.24
N VAL B 174 -2.77 11.08 20.55
CA VAL B 174 -4.16 11.26 20.06
C VAL B 174 -4.15 11.27 18.53
N THR B 175 -5.00 10.44 17.92
CA THR B 175 -5.29 10.45 16.48
C THR B 175 -6.80 10.46 16.23
N PHE B 176 -7.20 11.03 15.09
CA PHE B 176 -8.57 10.98 14.56
C PHE B 176 -8.55 10.07 13.34
N ASP B 177 -9.39 9.05 13.30
CA ASP B 177 -9.38 8.08 12.20
C ASP B 177 -10.80 7.91 11.65
N PRO B 178 -10.93 7.79 10.32
CA PRO B 178 -12.23 7.53 9.70
C PRO B 178 -12.71 6.10 9.98
N PHE B 179 -14.02 5.91 9.99
CA PHE B 179 -14.65 4.57 9.99
C PHE B 179 -15.80 4.57 9.00
N CYS B 180 -16.16 3.39 8.49
CA CYS B 180 -17.43 3.21 7.75
C CYS B 180 -18.38 2.26 8.49
N TYR B 181 -18.01 1.73 9.63
CA TYR B 181 -18.97 0.94 10.46
C TYR B 181 -18.37 0.91 11.87
N LEU B 182 -19.20 0.69 12.89
CA LEU B 182 -18.69 0.54 14.27
C LEU B 182 -18.86 -0.90 14.66
N THR B 183 -17.80 -1.51 15.18
CA THR B 183 -17.88 -2.85 15.78
C THR B 183 -17.98 -2.71 17.29
N LEU B 184 -19.10 -3.13 17.89
CA LEU B 184 -19.36 -2.90 19.32
C LEU B 184 -19.12 -4.21 20.06
N PRO B 185 -18.41 -4.19 21.20
CA PRO B 185 -18.35 -5.36 22.08
C PRO B 185 -19.69 -5.49 22.80
N LEU B 186 -20.08 -6.71 23.15
CA LEU B 186 -21.35 -7.00 23.86
C LEU B 186 -21.03 -7.08 25.36
N ALA B 187 -21.65 -6.22 26.15
CA ALA B 187 -21.43 -6.05 27.61
C ALA B 187 -21.98 -7.23 28.44
N SER B 190 -26.90 -11.98 29.38
CA SER B 190 -28.22 -12.45 28.87
C SER B 190 -28.81 -11.33 28.01
N LYS B 191 -28.96 -10.14 28.59
CA LYS B 191 -29.62 -8.99 27.94
C LYS B 191 -28.89 -7.67 28.27
N VAL B 192 -28.70 -6.84 27.24
CA VAL B 192 -28.14 -5.47 27.36
C VAL B 192 -28.89 -4.52 26.44
N LYS B 193 -28.58 -3.23 26.54
CA LYS B 193 -29.08 -2.18 25.62
C LYS B 193 -27.98 -1.83 24.61
N LEU B 194 -28.37 -1.36 23.43
CA LEU B 194 -27.38 -0.93 22.43
C LEU B 194 -26.50 0.12 23.07
N LYS B 195 -27.09 1.05 23.79
CA LYS B 195 -26.29 2.16 24.38
C LYS B 195 -25.25 1.64 25.39
N ASP B 196 -25.56 0.56 26.15
CA ASP B 196 -24.56 -0.13 27.00
C ASP B 196 -23.37 -0.59 26.15
N CYS B 197 -23.65 -1.13 24.96
CA CYS B 197 -22.56 -1.61 24.07
C CYS B 197 -21.78 -0.40 23.50
N ILE B 198 -22.44 0.72 23.24
CA ILE B 198 -21.74 1.94 22.75
C ILE B 198 -20.82 2.47 23.86
N GLU B 199 -21.33 2.55 25.09
CA GLU B 199 -20.56 3.00 26.27
C GLU B 199 -19.33 2.10 26.43
N LEU B 200 -19.47 0.78 26.27
CA LEU B 200 -18.33 -0.18 26.37
C LEU B 200 -17.33 0.07 25.25
N PHE B 201 -17.82 0.38 24.06
CA PHE B 201 -16.94 0.72 22.93
C PHE B 201 -16.06 1.91 23.32
N THR B 202 -16.63 2.91 23.96
CA THR B 202 -15.91 4.16 24.28
C THR B 202 -15.16 4.08 25.63
N THR B 203 -15.15 2.95 26.33
CA THR B 203 -14.52 2.87 27.68
C THR B 203 -13.01 2.59 27.56
N LYS B 204 -12.22 3.29 28.36
CA LYS B 204 -10.76 3.05 28.49
C LYS B 204 -10.53 1.55 28.71
N GLU B 205 -9.58 0.97 27.99
CA GLU B 205 -9.12 -0.41 28.26
C GLU B 205 -7.59 -0.39 28.28
N LYS B 206 -7.00 -1.44 28.86
CA LYS B 206 -5.54 -1.68 28.85
C LYS B 206 -5.26 -2.70 27.76
N LEU B 207 -4.29 -2.41 26.89
CA LEU B 207 -4.10 -3.14 25.61
C LEU B 207 -3.88 -4.65 25.84
N GLY B 208 -3.05 -5.01 26.83
CA GLY B 208 -2.59 -6.39 27.03
C GLY B 208 -1.19 -6.60 26.47
N ALA B 209 -0.50 -7.67 26.91
CA ALA B 209 0.80 -8.12 26.39
C ALA B 209 0.66 -8.61 24.94
N GLU B 210 -0.51 -9.17 24.61
CA GLU B 210 -0.83 -9.77 23.28
C GLU B 210 -0.74 -8.76 22.12
N ASP B 211 -0.78 -7.46 22.40
CA ASP B 211 -0.78 -6.40 21.35
C ASP B 211 -0.42 -5.08 21.99
N PRO B 212 0.89 -4.75 22.12
CA PRO B 212 1.31 -3.46 22.67
C PRO B 212 1.35 -2.32 21.62
N TRP B 213 1.38 -1.10 22.16
CA TRP B 213 1.49 0.14 21.37
C TRP B 213 2.92 0.69 21.48
N TYR B 214 3.50 1.08 20.35
CA TYR B 214 4.88 1.63 20.25
C TYR B 214 4.82 3.12 20.59
N CYS B 215 5.46 3.49 21.70
CA CYS B 215 5.59 4.89 22.13
C CYS B 215 6.71 5.57 21.36
N PRO B 216 6.41 6.59 20.51
CA PRO B 216 7.42 7.21 19.65
C PRO B 216 8.39 8.09 20.46
N ASN B 217 8.01 8.47 21.68
CA ASN B 217 8.86 9.24 22.63
C ASN B 217 9.88 8.31 23.29
N CYS B 218 9.39 7.21 23.89
CA CYS B 218 10.21 6.14 24.55
C CYS B 218 11.03 5.34 23.55
N LYS B 219 10.49 5.16 22.33
CA LYS B 219 11.05 4.28 21.26
C LYS B 219 10.90 2.82 21.71
N GLU B 220 9.80 2.48 22.38
CA GLU B 220 9.58 1.12 22.93
C GLU B 220 8.08 0.79 22.95
N HIS B 221 7.78 -0.50 22.90
CA HIS B 221 6.41 -1.07 22.99
C HIS B 221 5.96 -1.00 24.44
N GLN B 222 4.74 -0.51 24.66
CA GLN B 222 4.13 -0.30 25.99
C GLN B 222 2.76 -0.99 26.02
N GLN B 223 2.25 -1.27 27.21
CA GLN B 223 0.89 -1.82 27.44
C GLN B 223 -0.07 -0.66 27.72
N ALA B 224 -0.15 0.30 26.81
CA ALA B 224 -0.83 1.60 27.00
C ALA B 224 -2.31 1.40 27.26
N THR B 225 -2.98 2.47 27.68
CA THR B 225 -4.46 2.52 27.77
C THR B 225 -4.99 3.11 26.47
N LYS B 226 -6.06 2.52 25.96
CA LYS B 226 -6.71 2.92 24.69
C LYS B 226 -8.15 3.33 24.97
N LYS B 227 -8.48 4.58 24.64
CA LYS B 227 -9.87 5.08 24.74
C LYS B 227 -10.31 5.60 23.36
N LEU B 228 -11.48 5.15 22.92
CA LEU B 228 -12.10 5.64 21.69
C LEU B 228 -13.22 6.60 22.09
N ASP B 229 -13.39 7.64 21.26
CA ASP B 229 -14.53 8.59 21.34
C ASP B 229 -15.07 8.81 19.92
N LEU B 230 -16.34 9.15 19.82
CA LEU B 230 -16.96 9.44 18.51
C LEU B 230 -16.90 10.95 18.27
N TRP B 231 -16.34 11.37 17.15
CA TRP B 231 -16.22 12.80 16.82
C TRP B 231 -17.36 13.17 15.87
N SER B 232 -17.50 12.47 14.76
CA SER B 232 -18.61 12.71 13.82
C SER B 232 -19.21 11.37 13.42
N LEU B 233 -20.51 11.38 13.20
CA LEU B 233 -21.31 10.19 12.86
C LEU B 233 -21.91 10.37 11.48
N PRO B 234 -21.87 9.30 10.66
CA PRO B 234 -22.29 9.42 9.24
C PRO B 234 -23.79 9.44 9.08
N PRO B 235 -24.32 9.91 7.94
CA PRO B 235 -25.74 9.80 7.63
C PRO B 235 -26.29 8.39 7.80
N VAL B 236 -25.54 7.40 7.35
CA VAL B 236 -25.92 6.00 7.54
C VAL B 236 -24.85 5.34 8.44
N LEU B 237 -25.28 4.89 9.60
CA LEU B 237 -24.44 4.30 10.67
C LEU B 237 -24.70 2.80 10.69
N VAL B 238 -23.66 2.05 10.37
CA VAL B 238 -23.62 0.59 10.34
C VAL B 238 -22.98 0.13 11.64
N VAL B 239 -23.73 -0.69 12.38
CA VAL B 239 -23.37 -1.06 13.77
C VAL B 239 -23.27 -2.58 13.75
N HIS B 240 -22.04 -3.06 13.83
CA HIS B 240 -21.69 -4.48 13.86
C HIS B 240 -21.66 -4.92 15.35
N LEU B 241 -22.53 -5.83 15.71
CA LEU B 241 -22.55 -6.42 17.10
C LEU B 241 -21.58 -7.58 17.13
N LYS B 242 -20.48 -7.46 17.89
CA LYS B 242 -19.33 -8.39 17.77
C LYS B 242 -19.65 -9.71 18.51
N ARG B 243 -20.40 -10.57 17.85
CA ARG B 243 -20.94 -11.84 18.35
C ARG B 243 -19.94 -12.98 18.12
N PHE B 244 -19.11 -12.87 17.10
CA PHE B 244 -18.14 -13.92 16.75
C PHE B 244 -16.75 -13.44 17.12
N SER B 245 -15.89 -14.42 17.43
CA SER B 245 -14.46 -14.26 17.80
C SER B 245 -14.32 -13.75 19.24
N ARG B 251 -13.12 -18.75 19.39
CA ARG B 251 -14.20 -18.60 20.40
C ARG B 251 -15.53 -19.01 19.77
N ASP B 252 -16.63 -18.93 20.54
CA ASP B 252 -17.99 -19.36 20.11
C ASP B 252 -18.78 -18.13 19.63
N LYS B 253 -20.11 -18.26 19.51
CA LYS B 253 -20.99 -17.12 19.17
C LYS B 253 -21.75 -16.67 20.41
N LEU B 254 -21.75 -15.36 20.70
CA LEU B 254 -22.59 -14.71 21.75
C LEU B 254 -24.01 -14.45 21.24
N ASP B 255 -24.96 -15.11 21.88
CA ASP B 255 -26.41 -15.08 21.59
C ASP B 255 -27.08 -14.06 22.51
N THR B 256 -26.30 -13.23 23.21
CA THR B 256 -26.83 -12.12 24.02
C THR B 256 -27.95 -11.39 23.26
N LEU B 257 -29.07 -11.18 23.95
CA LEU B 257 -30.13 -10.30 23.44
C LEU B 257 -29.66 -8.85 23.65
N VAL B 258 -29.39 -8.14 22.53
CA VAL B 258 -29.13 -6.67 22.49
C VAL B 258 -30.42 -5.95 22.07
N ASP B 259 -30.92 -5.09 22.97
CA ASP B 259 -32.17 -4.34 22.76
C ASP B 259 -31.77 -3.02 22.07
N PHE B 260 -32.29 -2.77 20.88
CA PHE B 260 -31.91 -1.55 20.12
C PHE B 260 -33.20 -0.88 19.64
N PRO B 261 -33.21 0.45 19.52
CA PRO B 261 -34.43 1.15 19.15
C PRO B 261 -34.70 1.03 17.64
N ILE B 262 -35.98 1.06 17.28
CA ILE B 262 -36.46 1.10 15.88
C ILE B 262 -36.38 2.57 15.40
N ASN B 263 -36.71 3.50 16.28
CA ASN B 263 -36.80 4.95 15.98
C ASN B 263 -36.11 5.73 17.09
N ASP B 264 -35.60 6.89 16.70
CA ASP B 264 -35.11 7.95 17.61
C ASP B 264 -33.99 7.42 18.52
N LEU B 265 -33.01 6.71 17.95
CA LEU B 265 -31.69 6.54 18.58
C LEU B 265 -31.00 7.91 18.55
N ASP B 266 -30.89 8.51 19.72
CA ASP B 266 -30.18 9.77 20.01
C ASP B 266 -28.75 9.43 20.43
N MET B 267 -27.81 9.81 19.59
CA MET B 267 -26.38 9.52 19.79
C MET B 267 -25.65 10.70 20.43
N SER B 268 -26.31 11.83 20.73
CA SER B 268 -25.63 13.13 21.00
C SER B 268 -24.80 13.03 22.30
N GLU B 269 -25.19 12.15 23.21
CA GLU B 269 -24.48 11.93 24.50
C GLU B 269 -23.08 11.37 24.26
N PHE B 270 -22.88 10.70 23.13
CA PHE B 270 -21.60 10.06 22.80
C PHE B 270 -20.69 11.00 22.03
N LEU B 271 -21.25 11.99 21.34
CA LEU B 271 -20.44 12.87 20.44
C LEU B 271 -19.70 13.89 21.28
N ILE B 272 -18.40 14.03 21.05
CA ILE B 272 -17.52 14.99 21.78
C ILE B 272 -17.28 16.28 20.96
N ASN B 273 -17.76 16.31 19.72
CA ASN B 273 -17.73 17.51 18.85
C ASN B 273 -18.83 18.49 19.26
N PRO B 274 -18.47 19.59 19.93
CA PRO B 274 -19.48 20.48 20.46
C PRO B 274 -20.23 21.22 19.33
N ASN B 275 -19.74 21.17 18.08
CA ASN B 275 -20.34 21.94 16.96
C ASN B 275 -21.08 20.99 16.02
N ALA B 276 -21.27 19.76 16.46
CA ALA B 276 -22.00 18.74 15.69
C ALA B 276 -23.46 19.19 15.54
N GLY B 277 -24.09 18.77 14.45
CA GLY B 277 -25.51 18.96 14.16
C GLY B 277 -26.33 17.87 14.84
N PRO B 278 -27.63 17.71 14.48
CA PRO B 278 -28.47 16.72 15.12
C PRO B 278 -27.94 15.29 14.82
N CYS B 279 -28.18 14.35 15.75
CA CYS B 279 -27.69 12.98 15.61
C CYS B 279 -28.72 11.95 16.08
N ARG B 280 -29.93 12.07 15.52
CA ARG B 280 -31.11 11.21 15.79
C ARG B 280 -31.26 10.22 14.62
N TYR B 281 -31.23 8.93 14.90
CA TYR B 281 -31.28 7.86 13.88
C TYR B 281 -32.52 7.00 14.01
N ASN B 282 -33.07 6.59 12.85
CA ASN B 282 -34.09 5.53 12.77
C ASN B 282 -33.47 4.34 12.07
N LEU B 283 -33.79 3.14 12.54
CA LEU B 283 -33.41 1.87 11.90
C LEU B 283 -33.99 1.81 10.49
N ILE B 284 -33.21 1.34 9.52
CA ILE B 284 -33.67 0.99 8.16
C ILE B 284 -33.38 -0.47 7.78
N ALA B 285 -32.47 -1.20 8.46
CA ALA B 285 -32.21 -2.60 8.08
C ALA B 285 -31.48 -3.35 9.19
N VAL B 286 -31.62 -4.64 9.17
CA VAL B 286 -30.98 -5.58 10.15
C VAL B 286 -30.58 -6.85 9.43
N SER B 287 -29.31 -7.26 9.58
CA SER B 287 -28.80 -8.56 9.14
C SER B 287 -29.01 -9.47 10.36
N ASN B 288 -29.73 -10.56 10.16
CA ASN B 288 -29.95 -11.59 11.23
C ASN B 288 -29.03 -12.78 10.95
N HIS B 289 -28.61 -13.49 12.01
CA HIS B 289 -27.86 -14.74 11.86
C HIS B 289 -28.46 -15.76 12.86
N TYR B 290 -28.74 -16.96 12.36
CA TYR B 290 -29.35 -18.07 13.16
C TYR B 290 -28.33 -19.21 13.14
N GLY B 291 -28.18 -19.93 14.26
CA GLY B 291 -27.22 -21.02 14.34
C GLY B 291 -25.90 -20.51 14.89
N GLY B 292 -24.80 -21.18 14.53
CA GLY B 292 -23.50 -20.96 15.16
C GLY B 292 -22.41 -20.61 14.18
N MET B 293 -21.24 -20.25 14.71
CA MET B 293 -20.06 -19.79 13.94
C MET B 293 -19.68 -20.88 12.91
N GLY B 294 -19.39 -20.46 11.67
CA GLY B 294 -18.88 -21.31 10.58
C GLY B 294 -20.02 -21.84 9.72
N GLY B 295 -21.26 -21.73 10.20
CA GLY B 295 -22.45 -22.14 9.46
C GLY B 295 -23.64 -21.25 9.75
N GLY B 296 -24.78 -21.89 9.93
CA GLY B 296 -26.06 -21.24 10.20
C GLY B 296 -26.58 -20.54 8.94
N HIS B 297 -27.45 -19.57 9.14
CA HIS B 297 -28.21 -18.93 8.04
C HIS B 297 -28.39 -17.46 8.36
N TYR B 298 -28.25 -16.64 7.34
CA TYR B 298 -28.52 -15.19 7.44
C TYR B 298 -29.85 -14.85 6.72
N THR B 299 -30.53 -13.87 7.26
CA THR B 299 -31.68 -13.19 6.66
C THR B 299 -31.57 -11.70 6.91
N ALA B 300 -32.59 -10.94 6.52
CA ALA B 300 -32.60 -9.49 6.83
C ALA B 300 -34.02 -8.99 7.08
N PHE B 301 -34.13 -8.02 7.95
CA PHE B 301 -35.29 -7.11 8.03
C PHE B 301 -34.84 -5.87 7.25
N ALA B 302 -35.76 -5.28 6.53
CA ALA B 302 -35.51 -3.93 6.00
C ALA B 302 -36.82 -3.15 5.88
N LYS B 303 -36.71 -1.83 5.98
CA LYS B 303 -37.83 -0.90 5.85
C LYS B 303 -37.78 -0.44 4.38
N ASN B 304 -38.86 -0.65 3.62
CA ASN B 304 -38.89 -0.22 2.17
C ASN B 304 -39.01 1.30 2.10
N LYS B 305 -38.20 1.97 1.28
CA LYS B 305 -38.15 3.44 1.24
C LYS B 305 -39.41 4.07 0.63
N ASP B 306 -40.18 3.29 -0.13
CA ASP B 306 -41.42 3.76 -0.83
C ASP B 306 -42.63 3.69 0.11
N ASP B 307 -42.88 2.56 0.78
CA ASP B 307 -44.10 2.43 1.62
C ASP B 307 -43.78 2.64 3.10
N GLY B 308 -42.52 2.67 3.51
CA GLY B 308 -42.15 2.84 4.93
C GLY B 308 -42.50 1.62 5.79
N LYS B 309 -42.77 0.46 5.18
CA LYS B 309 -43.14 -0.74 5.97
C LYS B 309 -41.93 -1.64 6.10
N TRP B 310 -41.98 -2.54 7.05
CA TRP B 310 -40.90 -3.51 7.29
C TRP B 310 -41.19 -4.83 6.56
N TYR B 311 -40.12 -5.46 6.09
CA TYR B 311 -40.19 -6.75 5.38
C TYR B 311 -39.05 -7.63 5.86
N TYR B 312 -39.22 -8.92 5.64
CA TYR B 312 -38.31 -9.99 6.09
C TYR B 312 -37.86 -10.65 4.81
N PHE B 313 -36.56 -10.64 4.58
CA PHE B 313 -35.93 -11.20 3.38
C PHE B 313 -35.11 -12.43 3.77
N ASP B 314 -35.57 -13.59 3.34
CA ASP B 314 -34.99 -14.92 3.64
C ASP B 314 -34.68 -15.58 2.29
N ASP B 315 -33.50 -15.29 1.80
CA ASP B 315 -33.07 -15.56 0.41
C ASP B 315 -34.18 -15.15 -0.57
N SER B 316 -34.77 -16.08 -1.29
CA SER B 316 -35.72 -15.76 -2.39
C SER B 316 -37.06 -15.25 -1.86
N SER B 317 -37.38 -15.48 -0.59
CA SER B 317 -38.68 -15.19 0.05
C SER B 317 -38.70 -13.80 0.68
N VAL B 318 -39.76 -13.04 0.40
CA VAL B 318 -40.01 -11.70 0.98
C VAL B 318 -41.40 -11.68 1.61
N SER B 319 -41.47 -11.32 2.90
CA SER B 319 -42.75 -11.33 3.63
C SER B 319 -42.87 -10.07 4.48
N THR B 320 -44.12 -9.68 4.77
CA THR B 320 -44.38 -8.52 5.63
C THR B 320 -43.90 -8.90 7.02
N ALA B 321 -43.26 -7.96 7.70
CA ALA B 321 -42.80 -8.08 9.09
C ALA B 321 -43.54 -7.06 9.94
N SER B 322 -43.72 -7.39 11.22
CA SER B 322 -44.19 -6.41 12.23
C SER B 322 -42.95 -5.93 12.96
N GLU B 323 -43.00 -4.69 13.42
CA GLU B 323 -41.89 -4.06 14.17
C GLU B 323 -41.59 -4.87 15.43
N ASP B 324 -42.58 -5.58 15.97
CA ASP B 324 -42.44 -6.46 17.18
C ASP B 324 -41.44 -7.61 16.98
N GLN B 325 -41.16 -7.99 15.73
CA GLN B 325 -40.28 -9.14 15.39
C GLN B 325 -38.80 -8.72 15.25
N ILE B 326 -38.50 -7.43 15.09
CA ILE B 326 -37.16 -6.97 14.60
C ILE B 326 -36.11 -7.17 15.69
N VAL B 327 -36.46 -6.84 16.95
CA VAL B 327 -35.46 -6.95 18.04
C VAL B 327 -35.47 -8.42 18.47
N SER B 328 -34.43 -9.15 18.13
CA SER B 328 -34.20 -10.52 18.62
C SER B 328 -32.69 -10.69 18.80
N LYS B 329 -32.33 -11.80 19.47
CA LYS B 329 -30.93 -12.21 19.60
C LYS B 329 -30.28 -12.52 18.24
N ALA B 330 -31.04 -12.72 17.17
CA ALA B 330 -30.54 -12.99 15.80
C ALA B 330 -29.88 -11.74 15.15
N ALA B 331 -30.26 -10.55 15.60
CA ALA B 331 -29.73 -9.26 15.09
C ALA B 331 -28.21 -9.24 15.18
N TYR B 332 -27.55 -8.93 14.06
CA TYR B 332 -26.06 -9.03 13.97
C TYR B 332 -25.47 -7.69 13.53
N VAL B 333 -26.01 -7.16 12.45
CA VAL B 333 -25.57 -5.84 11.89
C VAL B 333 -26.79 -4.96 11.75
N LEU B 334 -26.74 -3.76 12.36
CA LEU B 334 -27.87 -2.80 12.34
C LEU B 334 -27.49 -1.66 11.37
N PHE B 335 -28.45 -1.27 10.53
CA PHE B 335 -28.32 -0.04 9.70
C PHE B 335 -29.27 1.02 10.21
N TYR B 336 -28.76 2.17 10.62
CA TYR B 336 -29.50 3.36 11.10
C TYR B 336 -29.30 4.53 10.11
N GLN B 337 -30.35 5.29 9.83
CA GLN B 337 -30.20 6.52 9.00
C GLN B 337 -30.54 7.74 9.85
N ARG B 338 -29.71 8.79 9.73
CA ARG B 338 -29.88 10.06 10.50
C ARG B 338 -31.11 10.78 9.95
N GLN B 339 -32.03 11.19 10.83
CA GLN B 339 -33.31 11.82 10.43
C GLN B 339 -33.08 13.05 9.53
N ASP B 340 -32.07 13.84 9.81
CA ASP B 340 -31.82 15.09 9.05
C ASP B 340 -31.35 14.78 7.62
N THR B 341 -31.13 13.50 7.24
CA THR B 341 -30.59 13.14 5.90
C THR B 341 -31.67 12.45 5.04
N PHE B 342 -32.86 12.18 5.62
CA PHE B 342 -33.93 11.45 4.91
C PHE B 342 -34.26 12.16 3.57
N SER B 343 -34.68 11.36 2.61
CA SER B 343 -35.27 11.81 1.31
C SER B 343 -36.36 12.86 1.56
N GLY B 344 -36.24 14.01 0.91
CA GLY B 344 -37.16 15.12 1.17
C GLY B 344 -36.52 16.23 1.98
N THR B 345 -35.39 15.96 2.63
CA THR B 345 -34.70 17.02 3.40
C THR B 345 -33.79 17.83 2.49
N GLY B 346 -33.37 17.25 1.36
CA GLY B 346 -32.36 17.84 0.47
C GLY B 346 -30.94 17.75 1.02
N PHE B 347 -30.71 16.89 2.02
CA PHE B 347 -29.36 16.71 2.59
C PHE B 347 -28.42 16.17 1.52
N PHE B 348 -28.80 15.08 0.83
CA PHE B 348 -27.89 14.51 -0.20
C PHE B 348 -28.05 15.28 -1.50
N PRO B 349 -26.94 15.51 -2.26
CA PRO B 349 -27.01 16.35 -3.47
C PRO B 349 -28.05 15.79 -4.45
N LEU B 350 -28.13 14.45 -4.63
CA LEU B 350 -29.13 13.86 -5.56
C LEU B 350 -30.55 14.25 -5.10
N ASP B 351 -30.80 14.24 -3.79
CA ASP B 351 -32.13 14.50 -3.20
C ASP B 351 -32.46 15.99 -3.45
N ARG B 352 -31.47 16.86 -3.21
CA ARG B 352 -31.59 18.32 -3.40
C ARG B 352 -31.85 18.63 -4.88
N GLU B 353 -31.14 18.00 -5.81
CA GLU B 353 -31.27 18.27 -7.28
C GLU B 353 -32.67 17.82 -7.71
N THR B 354 -33.10 16.62 -7.27
CA THR B 354 -34.43 16.08 -7.60
C THR B 354 -35.50 17.04 -7.07
N LEU B 355 -35.42 17.37 -5.78
CA LEU B 355 -36.36 18.35 -5.15
C LEU B 355 -36.41 19.67 -5.96
N GLU B 356 -35.26 20.31 -6.19
CA GLU B 356 -35.17 21.62 -6.90
C GLU B 356 -35.84 21.47 -8.27
N HIS B 357 -35.52 20.36 -8.95
CA HIS B 357 -36.10 20.01 -10.28
C HIS B 357 -37.64 19.98 -10.19
N HIS B 358 -38.17 19.29 -9.18
CA HIS B 358 -39.63 18.99 -9.02
C HIS B 358 -40.42 20.20 -8.50
N HIS B 359 -39.74 21.18 -7.91
CA HIS B 359 -40.38 22.40 -7.33
C HIS B 359 -40.33 23.54 -8.36
#